data_5CVN
#
_entry.id   5CVN
#
_cell.length_a   103.437
_cell.length_b   154.189
_cell.length_c   182.854
_cell.angle_alpha   90.00
_cell.angle_beta   90.00
_cell.angle_gamma   90.00
#
_symmetry.space_group_name_H-M   'I 2 2 2'
#
loop_
_entity.id
_entity.type
_entity.pdbx_description
1 polymer 'WD repeat-containing protein 48'
2 polymer 'Ubiquitin carboxyl-terminal hydrolase 46'
3 polymer Polyubiquitin-B
4 non-polymer 'ZINC ION'
5 water water
#
loop_
_entity_poly.entity_id
_entity_poly.type
_entity_poly.pdbx_seq_one_letter_code
_entity_poly.pdbx_strand_id
1 'polypeptide(L)'
;MHHHHHHGENLYFQGSAAHHRQNTAGRRKVQVSYVIRDEVEKYNRNGVNALQLDPALNRLFTAGRDSIIRIWSVNQHKQD
PYIASMEHHTDWVNDIVLCCNGKTLISASSDTTVKVWNAHKGFCMSTLRTHKDYVKALAYAKDKELVASAGLDRQIFLWD
VNTLTALTASNNTVTTSSLSGNKDSIYSLAMNQLGTIIVSGSTEKVLRVWDPRTCAKLMKLKGHTDNVKALLLNRDGTQC
LSGSSDGTIRLWSLGQQRCIATYRVHDEGVWALQVNDAFTHVYSGGRDRKIYCTDLRNPDIRVLICEEKAPVLKMELDRS
ADPPPAIWVATTKSTVNKWTLKGIHNFRASGDYDNDCTNPITPLCTQPDQVIKGGASIIQCHILNDKRHILTKDTNNNVA
YWDVLKACKVEDLGKVDFEDEIKKRFKMVYVPNWFSVDLKTGMLTITLDESDCFAAWVSAKDAGFSSPDGSDPKLNLGGL
LLQALLEYWPRTHVNPMDEEENEVNHVNGEQENRVQKGNGYFQVPPHTPVIFGEAGGRTLFRLLCRDSGGETESMLLNET
VPQWVIDITVDKNMPKFNKIPFYLQPHASSGAKTLGNS
;
A
2 'polypeptide(L)'
;MHHHHHHGENLYFQGSPEQFPINEHYFGLVNFGNTCYCNSVLQALYFCRPFRENVLAYKAQQKKKENLLTCLADLFHSIA
TQKKKVGVIPPKKFISRLRKENDLFDNYMQQDAHEFLNYLLNTIADILQEEKKQEKQNGKLKNGNMNEPAENNKPELTWV
HEIFQGTLTNETRCLNCETVSSKDEDFLDLSVDVEQNTSITHCLRDFSNTETLCSEQKYYCETCCSKQEAQKRMRVKKLP
MILALHLKRFKYMEQLHRYTKLSYRVVFPLELRLFNTSSDAVNLDRMYDLVAVVVHCGSGPNRGHYITIVKSHGFWLLFD
DDIVEKIDAQAIEEFYGLTSDISKNSESGYILFYQSRE
;
B
3 'polypeptide(L)'
;MGSSHHHHHHSSGLVPRGSHMQIFVKTLTGKTITLEVEPSDTIENVKAKIQDKEGIPPDQQRLIFAGKQLEDGRTLSDYN
IQKESTLHLVLRLRGG
;
D
#
loop_
_chem_comp.id
_chem_comp.type
_chem_comp.name
_chem_comp.formula
ZN non-polymer 'ZINC ION' 'Zn 2'
#
# COMPACT_ATOMS: atom_id res chain seq x y z
N ARG A 28 0.70 -22.30 2.85
CA ARG A 28 0.62 -21.03 3.59
C ARG A 28 0.17 -21.23 5.04
N LYS A 29 0.52 -20.28 5.94
CA LYS A 29 0.16 -20.31 7.36
C LYS A 29 -1.30 -19.91 7.60
N VAL A 30 -1.93 -20.55 8.60
CA VAL A 30 -3.34 -20.33 8.94
C VAL A 30 -3.54 -19.44 10.20
N GLN A 31 -4.50 -18.49 10.13
CA GLN A 31 -4.82 -17.56 11.22
C GLN A 31 -6.27 -17.70 11.68
N VAL A 32 -6.46 -17.76 13.00
CA VAL A 32 -7.78 -17.84 13.65
C VAL A 32 -8.27 -16.40 13.82
N SER A 33 -9.55 -16.15 13.55
CA SER A 33 -10.16 -14.82 13.69
C SER A 33 -11.56 -14.84 14.21
N TYR A 34 -11.94 -13.80 14.94
CA TYR A 34 -13.29 -13.70 15.48
C TYR A 34 -13.83 -12.29 15.40
N VAL A 35 -15.15 -12.15 15.49
CA VAL A 35 -15.77 -10.83 15.35
C VAL A 35 -16.61 -10.47 16.56
N ILE A 36 -16.31 -9.29 17.16
CA ILE A 36 -17.11 -8.78 18.28
C ILE A 36 -18.30 -8.04 17.68
N ARG A 37 -19.48 -8.66 17.81
CA ARG A 37 -20.76 -8.22 17.26
C ARG A 37 -21.90 -9.01 17.92
N ASP A 38 -23.16 -8.63 17.62
CA ASP A 38 -24.38 -9.30 18.09
C ASP A 38 -24.77 -10.32 17.05
N GLU A 39 -25.42 -11.42 17.48
CA GLU A 39 -25.84 -12.55 16.64
C GLU A 39 -26.50 -12.09 15.35
N VAL A 40 -27.44 -11.13 15.46
CA VAL A 40 -28.13 -10.56 14.31
C VAL A 40 -27.66 -9.10 14.10
N GLU A 41 -27.08 -8.83 12.91
CA GLU A 41 -26.59 -7.49 12.59
C GLU A 41 -27.49 -6.82 11.55
N LYS A 42 -28.81 -6.85 11.83
CA LYS A 42 -29.92 -6.31 11.05
C LYS A 42 -29.56 -5.21 10.04
N TYR A 43 -28.85 -4.17 10.47
CA TYR A 43 -28.49 -3.03 9.62
C TYR A 43 -27.04 -3.03 9.19
N ASN A 44 -26.77 -2.51 7.95
CA ASN A 44 -25.43 -2.41 7.36
C ASN A 44 -24.51 -1.62 8.29
N ARG A 45 -23.27 -2.06 8.40
CA ARG A 45 -22.33 -1.41 9.29
C ARG A 45 -21.09 -0.90 8.58
N ASN A 46 -21.14 -0.58 7.25
CA ASN A 46 -19.97 -0.02 6.54
C ASN A 46 -20.26 0.57 5.14
N GLY A 47 -21.52 0.74 4.78
CA GLY A 47 -21.80 1.27 3.45
C GLY A 47 -21.94 0.12 2.48
N VAL A 48 -22.64 0.38 1.37
CA VAL A 48 -23.01 -0.63 0.39
C VAL A 48 -22.28 -0.43 -0.94
N ASN A 49 -21.64 -1.48 -1.44
CA ASN A 49 -20.88 -1.47 -2.69
C ASN A 49 -21.73 -1.61 -3.95
N ALA A 50 -22.85 -2.38 -3.86
CA ALA A 50 -23.78 -2.66 -4.98
C ALA A 50 -25.18 -2.97 -4.49
N LEU A 51 -26.17 -2.63 -5.32
CA LEU A 51 -27.59 -2.86 -5.03
C LEU A 51 -28.22 -3.77 -6.05
N GLN A 52 -29.35 -4.43 -5.68
CA GLN A 52 -30.11 -5.27 -6.61
C GLN A 52 -31.60 -5.28 -6.30
N LEU A 53 -32.41 -5.04 -7.33
CA LEU A 53 -33.86 -4.98 -7.18
C LEU A 53 -34.56 -6.13 -7.91
N ASP A 54 -35.45 -6.87 -7.18
CA ASP A 54 -36.28 -7.96 -7.74
C ASP A 54 -37.64 -7.38 -8.04
N PRO A 55 -37.96 -7.18 -9.33
CA PRO A 55 -39.28 -6.62 -9.65
C PRO A 55 -40.45 -7.55 -9.34
N ALA A 56 -40.21 -8.88 -9.39
CA ALA A 56 -41.19 -9.93 -9.17
C ALA A 56 -41.74 -10.01 -7.75
N LEU A 57 -40.91 -9.68 -6.75
CA LEU A 57 -41.30 -9.76 -5.33
C LEU A 57 -41.16 -8.44 -4.59
N ASN A 58 -40.73 -7.37 -5.30
CA ASN A 58 -40.50 -6.04 -4.74
C ASN A 58 -39.58 -6.15 -3.50
N ARG A 59 -38.35 -6.68 -3.75
CA ARG A 59 -37.30 -6.92 -2.75
C ARG A 59 -36.01 -6.22 -3.13
N LEU A 60 -35.24 -5.74 -2.13
CA LEU A 60 -33.95 -5.09 -2.38
C LEU A 60 -32.80 -5.81 -1.69
N PHE A 61 -31.75 -6.07 -2.46
CA PHE A 61 -30.54 -6.74 -2.06
C PHE A 61 -29.45 -5.69 -1.93
N THR A 62 -28.83 -5.63 -0.73
CA THR A 62 -27.75 -4.68 -0.41
C THR A 62 -26.47 -5.43 -0.06
N ALA A 63 -25.50 -5.38 -0.98
CA ALA A 63 -24.17 -5.96 -0.84
C ALA A 63 -23.32 -4.96 -0.06
N GLY A 64 -23.15 -5.21 1.25
CA GLY A 64 -22.41 -4.31 2.13
C GLY A 64 -20.93 -4.59 2.28
N ARG A 65 -20.20 -3.57 2.71
CA ARG A 65 -18.76 -3.71 2.94
C ARG A 65 -18.53 -4.37 4.30
N ASP A 66 -19.63 -4.70 4.98
CA ASP A 66 -19.65 -5.40 6.26
C ASP A 66 -19.69 -6.94 6.02
N SER A 67 -19.41 -7.38 4.76
CA SER A 67 -19.39 -8.77 4.27
C SER A 67 -20.76 -9.47 4.34
N ILE A 68 -21.85 -8.69 4.60
CA ILE A 68 -23.21 -9.23 4.68
C ILE A 68 -24.13 -8.59 3.63
N ILE A 69 -24.82 -9.47 2.86
CA ILE A 69 -25.82 -9.11 1.86
C ILE A 69 -27.12 -9.18 2.64
N ARG A 70 -28.10 -8.27 2.40
CA ARG A 70 -29.38 -8.27 3.13
C ARG A 70 -30.57 -8.08 2.20
N ILE A 71 -31.74 -8.60 2.62
CA ILE A 71 -32.98 -8.45 1.85
C ILE A 71 -33.93 -7.48 2.57
N TRP A 72 -34.53 -6.57 1.79
CA TRP A 72 -35.45 -5.53 2.24
C TRP A 72 -36.73 -5.53 1.42
N SER A 73 -37.85 -5.12 2.04
CA SER A 73 -39.15 -5.02 1.35
C SER A 73 -39.33 -3.56 0.92
N VAL A 74 -39.66 -3.33 -0.35
CA VAL A 74 -39.76 -1.97 -0.89
C VAL A 74 -41.24 -1.54 -1.12
N ASN A 75 -42.16 -2.08 -0.31
CA ASN A 75 -43.57 -1.72 -0.41
C ASN A 75 -43.91 -0.41 0.32
N GLN A 76 -42.88 0.24 0.94
CA GLN A 76 -42.93 1.51 1.70
C GLN A 76 -43.71 1.40 3.02
N HIS A 77 -44.96 0.90 2.94
CA HIS A 77 -45.91 0.76 4.03
C HIS A 77 -45.64 -0.50 4.88
N LYS A 78 -44.40 -0.60 5.35
CA LYS A 78 -43.87 -1.65 6.22
C LYS A 78 -42.91 -0.98 7.19
N GLN A 79 -43.23 -1.02 8.50
CA GLN A 79 -42.44 -0.39 9.57
C GLN A 79 -41.05 -1.00 9.59
N ASP A 80 -40.97 -2.34 9.48
CA ASP A 80 -39.69 -3.03 9.39
C ASP A 80 -39.47 -3.63 8.00
N PRO A 81 -38.59 -2.98 7.20
CA PRO A 81 -38.32 -3.50 5.83
C PRO A 81 -37.41 -4.73 5.77
N TYR A 82 -36.56 -4.94 6.79
CA TYR A 82 -35.63 -6.08 6.87
C TYR A 82 -36.35 -7.40 6.72
N ILE A 83 -35.84 -8.24 5.81
CA ILE A 83 -36.37 -9.56 5.52
C ILE A 83 -35.48 -10.62 6.16
N ALA A 84 -34.18 -10.63 5.78
CA ALA A 84 -33.11 -11.53 6.25
C ALA A 84 -31.76 -11.03 5.79
N SER A 85 -30.70 -11.71 6.23
CA SER A 85 -29.35 -11.36 5.79
C SER A 85 -28.54 -12.62 5.44
N MET A 86 -27.88 -12.56 4.28
CA MET A 86 -27.00 -13.58 3.69
C MET A 86 -25.55 -13.31 4.18
N GLU A 87 -25.08 -14.11 5.16
CA GLU A 87 -23.88 -13.83 5.93
C GLU A 87 -22.50 -14.46 5.51
N HIS A 88 -22.49 -15.62 4.81
CA HIS A 88 -21.30 -16.40 4.39
C HIS A 88 -19.92 -15.65 4.06
N HIS A 89 -19.90 -14.52 3.30
CA HIS A 89 -18.64 -13.80 2.95
C HIS A 89 -17.80 -13.31 4.14
N THR A 90 -16.47 -13.08 3.93
CA THR A 90 -15.56 -12.66 5.00
C THR A 90 -15.01 -11.22 4.85
N ASP A 91 -14.88 -10.69 3.60
CA ASP A 91 -14.45 -9.31 3.31
C ASP A 91 -15.64 -8.63 2.59
N TRP A 92 -15.50 -7.38 2.08
CA TRP A 92 -16.54 -6.63 1.36
C TRP A 92 -17.20 -7.40 0.23
N VAL A 93 -18.55 -7.31 0.12
CA VAL A 93 -19.29 -7.85 -1.04
C VAL A 93 -19.27 -6.68 -2.04
N ASN A 94 -18.50 -6.80 -3.13
CA ASN A 94 -18.31 -5.73 -4.09
C ASN A 94 -19.44 -5.59 -5.12
N ASP A 95 -20.03 -6.72 -5.54
CA ASP A 95 -21.11 -6.75 -6.52
C ASP A 95 -22.04 -7.94 -6.31
N ILE A 96 -23.33 -7.78 -6.67
CA ILE A 96 -24.39 -8.80 -6.58
C ILE A 96 -25.25 -8.85 -7.84
N VAL A 97 -25.25 -9.99 -8.52
CA VAL A 97 -26.06 -10.19 -9.72
C VAL A 97 -27.22 -11.13 -9.37
N LEU A 98 -28.44 -10.64 -9.56
CA LEU A 98 -29.67 -11.40 -9.31
C LEU A 98 -30.15 -11.97 -10.63
N CYS A 99 -30.30 -13.29 -10.71
CA CYS A 99 -30.69 -13.93 -11.96
C CYS A 99 -31.70 -15.04 -11.80
N CYS A 100 -31.79 -15.93 -12.82
CA CYS A 100 -32.74 -17.03 -12.91
C CYS A 100 -34.15 -16.56 -12.53
N ASN A 101 -34.65 -15.66 -13.38
CA ASN A 101 -35.97 -15.01 -13.40
C ASN A 101 -36.72 -15.06 -12.07
N GLY A 102 -36.26 -14.23 -11.15
CA GLY A 102 -36.81 -14.12 -9.82
C GLY A 102 -35.67 -14.14 -8.85
N LYS A 103 -35.31 -15.31 -8.35
CA LYS A 103 -34.19 -15.34 -7.42
C LYS A 103 -33.24 -16.52 -7.64
N THR A 104 -31.94 -16.20 -7.43
CA THR A 104 -30.63 -16.86 -7.49
C THR A 104 -29.66 -15.65 -7.46
N LEU A 105 -28.83 -15.53 -6.42
CA LEU A 105 -27.93 -14.39 -6.35
C LEU A 105 -26.48 -14.82 -6.46
N ILE A 106 -25.72 -14.11 -7.29
CA ILE A 106 -24.29 -14.37 -7.48
C ILE A 106 -23.55 -13.19 -6.86
N SER A 107 -22.57 -13.46 -6.00
CA SER A 107 -21.84 -12.36 -5.37
C SER A 107 -20.37 -12.49 -5.61
N ALA A 108 -19.67 -11.32 -5.69
CA ALA A 108 -18.23 -11.17 -5.91
C ALA A 108 -17.68 -10.38 -4.75
N SER A 109 -16.58 -10.85 -4.15
CA SER A 109 -16.05 -10.17 -2.96
C SER A 109 -14.51 -10.06 -2.89
N SER A 110 -14.04 -9.13 -2.03
CA SER A 110 -12.63 -8.87 -1.73
C SER A 110 -12.00 -10.06 -1.01
N ASP A 111 -12.86 -11.03 -0.61
CA ASP A 111 -12.47 -12.30 0.03
C ASP A 111 -11.98 -13.33 -1.04
N THR A 112 -11.80 -12.82 -2.29
CA THR A 112 -11.34 -13.45 -3.54
C THR A 112 -12.33 -14.51 -4.07
N THR A 113 -13.52 -14.64 -3.46
CA THR A 113 -14.46 -15.65 -3.95
C THR A 113 -15.71 -15.09 -4.62
N VAL A 114 -16.41 -15.99 -5.33
CA VAL A 114 -17.69 -15.77 -5.99
C VAL A 114 -18.61 -16.79 -5.36
N LYS A 115 -19.71 -16.33 -4.74
CA LYS A 115 -20.66 -17.22 -4.10
C LYS A 115 -21.99 -17.29 -4.84
N VAL A 116 -22.52 -18.51 -5.02
CA VAL A 116 -23.79 -18.80 -5.67
C VAL A 116 -24.82 -19.00 -4.55
N TRP A 117 -25.90 -18.23 -4.56
CA TRP A 117 -26.89 -18.30 -3.49
C TRP A 117 -28.25 -18.55 -4.04
N ASN A 118 -29.10 -19.26 -3.26
CA ASN A 118 -30.51 -19.43 -3.59
C ASN A 118 -31.13 -18.21 -2.90
N ALA A 119 -31.44 -17.16 -3.70
CA ALA A 119 -31.89 -15.87 -3.16
C ALA A 119 -33.27 -15.91 -2.49
N HIS A 120 -34.14 -16.85 -2.87
CA HIS A 120 -35.45 -17.00 -2.23
C HIS A 120 -35.32 -17.38 -0.73
N LYS A 121 -34.50 -18.40 -0.42
CA LYS A 121 -34.25 -18.87 0.95
C LYS A 121 -33.07 -18.17 1.65
N GLY A 122 -32.16 -17.59 0.87
CA GLY A 122 -31.02 -16.86 1.39
C GLY A 122 -29.91 -17.71 1.95
N PHE A 123 -29.51 -18.77 1.22
CA PHE A 123 -28.40 -19.63 1.64
C PHE A 123 -27.39 -19.86 0.51
N CYS A 124 -26.12 -20.01 0.88
CA CYS A 124 -25.02 -20.23 -0.06
C CYS A 124 -24.94 -21.67 -0.57
N MET A 125 -24.99 -21.83 -1.90
CA MET A 125 -24.90 -23.11 -2.61
C MET A 125 -23.45 -23.47 -2.94
N SER A 126 -22.74 -22.62 -3.71
CA SER A 126 -21.37 -22.91 -4.13
C SER A 126 -20.49 -21.72 -3.92
N THR A 127 -19.19 -21.97 -3.71
CA THR A 127 -18.19 -20.92 -3.59
C THR A 127 -17.12 -21.21 -4.64
N LEU A 128 -17.04 -20.36 -5.66
CA LEU A 128 -16.07 -20.45 -6.74
C LEU A 128 -14.79 -19.73 -6.26
N ARG A 129 -13.75 -20.54 -5.97
CA ARG A 129 -12.47 -20.11 -5.43
C ARG A 129 -11.41 -19.88 -6.53
N THR A 130 -11.87 -19.60 -7.75
CA THR A 130 -11.09 -19.44 -8.98
C THR A 130 -10.30 -18.10 -9.09
N HIS A 131 -10.78 -17.02 -8.44
CA HIS A 131 -10.07 -15.73 -8.48
C HIS A 131 -8.87 -15.72 -7.50
N LYS A 132 -7.81 -14.96 -7.82
CA LYS A 132 -6.62 -14.92 -6.96
C LYS A 132 -6.43 -13.56 -6.25
N ASP A 133 -7.40 -12.67 -6.41
CA ASP A 133 -7.42 -11.34 -5.78
C ASP A 133 -8.88 -10.90 -5.62
N TYR A 134 -9.11 -9.73 -5.00
CA TYR A 134 -10.43 -9.16 -4.74
C TYR A 134 -11.29 -9.29 -6.01
N VAL A 135 -12.48 -9.93 -5.94
CA VAL A 135 -13.36 -10.02 -7.13
C VAL A 135 -14.19 -8.75 -7.12
N LYS A 136 -13.84 -7.78 -7.99
CA LYS A 136 -14.46 -6.44 -8.03
C LYS A 136 -15.83 -6.35 -8.77
N ALA A 137 -16.00 -7.00 -9.94
CA ALA A 137 -17.27 -6.84 -10.64
C ALA A 137 -17.81 -8.09 -11.31
N LEU A 138 -19.16 -8.09 -11.45
CA LEU A 138 -19.97 -9.11 -12.08
C LEU A 138 -20.77 -8.48 -13.22
N ALA A 139 -21.02 -9.29 -14.26
CA ALA A 139 -21.80 -8.92 -15.45
C ALA A 139 -22.83 -10.04 -15.72
N TYR A 140 -24.02 -9.68 -16.23
CA TYR A 140 -25.08 -10.65 -16.47
C TYR A 140 -25.81 -10.43 -17.81
N ALA A 141 -26.03 -11.55 -18.53
CA ALA A 141 -26.72 -11.60 -19.81
C ALA A 141 -27.92 -12.51 -19.62
N LYS A 142 -29.10 -11.90 -19.37
CA LYS A 142 -30.38 -12.56 -19.12
C LYS A 142 -30.75 -13.60 -20.16
N ASP A 143 -30.67 -13.23 -21.46
CA ASP A 143 -31.03 -14.08 -22.58
C ASP A 143 -30.09 -15.29 -22.83
N LYS A 144 -29.07 -15.49 -21.98
CA LYS A 144 -28.17 -16.63 -22.14
C LYS A 144 -27.81 -17.32 -20.80
N GLU A 145 -28.41 -16.83 -19.67
CA GLU A 145 -28.16 -17.30 -18.30
C GLU A 145 -26.68 -17.48 -18.07
N LEU A 146 -25.93 -16.42 -18.45
CA LEU A 146 -24.47 -16.31 -18.42
C LEU A 146 -24.05 -15.21 -17.46
N VAL A 147 -23.09 -15.53 -16.60
CA VAL A 147 -22.61 -14.58 -15.62
C VAL A 147 -21.07 -14.49 -15.70
N ALA A 148 -20.56 -13.25 -15.68
CA ALA A 148 -19.14 -12.96 -15.76
C ALA A 148 -18.63 -12.46 -14.43
N SER A 149 -17.37 -12.77 -14.11
CA SER A 149 -16.72 -12.31 -12.89
C SER A 149 -15.31 -11.80 -13.20
N ALA A 150 -14.94 -10.67 -12.58
CA ALA A 150 -13.64 -10.06 -12.77
C ALA A 150 -13.21 -9.31 -11.53
N GLY A 151 -11.91 -9.23 -11.37
CA GLY A 151 -11.29 -8.54 -10.26
C GLY A 151 -9.86 -8.15 -10.53
N LEU A 152 -9.19 -7.75 -9.46
CA LEU A 152 -7.83 -7.27 -9.42
C LEU A 152 -6.81 -8.26 -9.94
N ASP A 153 -7.16 -9.55 -9.97
CA ASP A 153 -6.29 -10.62 -10.49
C ASP A 153 -6.20 -10.64 -12.05
N ARG A 154 -6.66 -9.55 -12.75
CA ARG A 154 -6.64 -9.34 -14.20
C ARG A 154 -7.24 -10.50 -15.00
N GLN A 155 -8.20 -11.24 -14.39
CA GLN A 155 -8.85 -12.35 -15.09
C GLN A 155 -10.37 -12.28 -14.99
N ILE A 156 -11.03 -12.69 -16.10
CA ILE A 156 -12.48 -12.70 -16.24
C ILE A 156 -12.90 -14.13 -16.43
N PHE A 157 -13.92 -14.58 -15.71
CA PHE A 157 -14.45 -15.92 -15.88
C PHE A 157 -15.90 -15.89 -16.27
N LEU A 158 -16.27 -16.78 -17.18
CA LEU A 158 -17.64 -16.92 -17.66
C LEU A 158 -18.23 -18.18 -17.04
N TRP A 159 -19.49 -18.07 -16.59
CA TRP A 159 -20.22 -19.15 -15.92
C TRP A 159 -21.64 -19.26 -16.41
N ASP A 160 -22.13 -20.50 -16.51
CA ASP A 160 -23.52 -20.71 -16.86
C ASP A 160 -24.27 -20.86 -15.55
N VAL A 161 -25.21 -19.94 -15.27
CA VAL A 161 -26.00 -19.96 -14.02
C VAL A 161 -26.72 -21.28 -13.85
N ASN A 162 -27.36 -21.79 -14.92
CA ASN A 162 -28.07 -23.08 -14.91
C ASN A 162 -27.15 -24.27 -14.58
N THR A 163 -25.81 -24.12 -14.77
CA THR A 163 -24.79 -25.12 -14.43
C THR A 163 -24.42 -24.96 -12.96
N LEU A 164 -24.19 -23.71 -12.52
CA LEU A 164 -23.84 -23.37 -11.13
C LEU A 164 -24.97 -23.74 -10.15
N THR A 165 -26.22 -23.64 -10.61
CA THR A 165 -27.43 -23.94 -9.85
C THR A 165 -27.85 -25.40 -9.94
N ALA A 166 -27.51 -26.11 -11.06
CA ALA A 166 -27.85 -27.54 -11.29
C ALA A 166 -27.42 -28.43 -10.14
N LEU A 167 -28.30 -29.35 -9.73
CA LEU A 167 -28.01 -30.25 -8.63
C LEU A 167 -27.85 -31.69 -9.13
N THR A 168 -28.29 -31.93 -10.39
CA THR A 168 -28.29 -33.18 -11.14
C THR A 168 -26.93 -33.84 -11.33
N ALA A 169 -25.87 -33.03 -11.61
CA ALA A 169 -24.49 -33.46 -11.89
C ALA A 169 -24.44 -34.61 -12.92
N SER A 170 -24.59 -34.24 -14.20
CA SER A 170 -24.59 -35.16 -15.33
C SER A 170 -23.36 -34.90 -16.20
N ASN A 171 -22.23 -35.59 -15.86
CA ASN A 171 -20.92 -35.47 -16.53
C ASN A 171 -20.54 -34.00 -16.73
N ASN A 172 -20.70 -33.22 -15.63
CA ASN A 172 -20.45 -31.78 -15.53
C ASN A 172 -19.08 -31.37 -16.08
N THR A 173 -18.01 -32.17 -15.78
CA THR A 173 -16.61 -31.97 -16.21
C THR A 173 -16.31 -30.43 -16.24
N VAL A 174 -16.68 -29.75 -15.13
CA VAL A 174 -16.65 -28.30 -14.87
C VAL A 174 -15.27 -27.64 -15.17
N THR A 175 -15.07 -27.33 -16.47
CA THR A 175 -13.89 -26.63 -16.98
C THR A 175 -14.20 -25.14 -16.96
N THR A 176 -13.31 -24.34 -16.39
CA THR A 176 -13.51 -22.89 -16.30
C THR A 176 -13.27 -22.23 -17.67
N SER A 177 -14.09 -21.22 -18.01
CA SER A 177 -13.96 -20.47 -19.25
C SER A 177 -13.51 -19.05 -18.94
N SER A 178 -12.31 -18.66 -19.43
CA SER A 178 -11.75 -17.34 -19.16
C SER A 178 -11.44 -16.50 -20.41
N LEU A 179 -11.51 -15.16 -20.27
CA LEU A 179 -11.21 -14.19 -21.33
C LEU A 179 -9.82 -13.63 -21.08
N SER A 180 -8.98 -13.59 -22.13
CA SER A 180 -7.60 -13.12 -21.99
C SER A 180 -7.35 -11.82 -22.73
N GLY A 181 -6.68 -10.88 -22.07
CA GLY A 181 -6.33 -9.59 -22.63
C GLY A 181 -5.89 -8.53 -21.64
N ASN A 182 -6.64 -8.39 -20.53
CA ASN A 182 -6.43 -7.39 -19.48
C ASN A 182 -5.01 -7.34 -18.90
N LYS A 183 -4.36 -6.16 -19.00
CA LYS A 183 -2.99 -5.91 -18.53
C LYS A 183 -2.96 -5.17 -17.18
N ASP A 184 -4.14 -4.91 -16.60
CA ASP A 184 -4.26 -4.26 -15.31
C ASP A 184 -5.55 -4.65 -14.61
N SER A 185 -5.59 -4.43 -13.30
CA SER A 185 -6.67 -4.77 -12.38
C SER A 185 -8.04 -4.24 -12.79
N ILE A 186 -9.00 -5.18 -12.99
CA ILE A 186 -10.37 -4.91 -13.44
C ILE A 186 -11.25 -4.40 -12.29
N TYR A 187 -11.91 -3.25 -12.53
CA TYR A 187 -12.77 -2.58 -11.58
C TYR A 187 -14.24 -2.57 -11.98
N SER A 188 -14.56 -2.89 -13.27
CA SER A 188 -15.93 -2.89 -13.80
C SER A 188 -16.15 -3.86 -14.95
N LEU A 189 -17.39 -4.41 -15.05
CA LEU A 189 -17.80 -5.35 -16.09
C LEU A 189 -19.22 -5.13 -16.54
N ALA A 190 -19.47 -5.35 -17.84
CA ALA A 190 -20.79 -5.23 -18.44
C ALA A 190 -20.99 -6.18 -19.60
N MET A 191 -22.20 -6.75 -19.70
CA MET A 191 -22.63 -7.68 -20.75
C MET A 191 -24.02 -7.29 -21.22
N ASN A 192 -24.24 -7.28 -22.55
CA ASN A 192 -25.55 -6.97 -23.13
C ASN A 192 -26.55 -8.10 -22.81
N GLN A 193 -27.86 -7.79 -22.82
CA GLN A 193 -28.95 -8.72 -22.47
C GLN A 193 -28.87 -10.08 -23.21
N LEU A 194 -28.37 -10.07 -24.45
CA LEU A 194 -28.25 -11.25 -25.32
C LEU A 194 -26.99 -12.08 -25.06
N GLY A 195 -25.94 -11.46 -24.52
CA GLY A 195 -24.67 -12.14 -24.25
C GLY A 195 -23.82 -12.34 -25.48
N THR A 196 -23.72 -11.28 -26.29
CA THR A 196 -22.95 -11.29 -27.53
C THR A 196 -21.79 -10.31 -27.44
N ILE A 197 -21.80 -9.46 -26.39
CA ILE A 197 -20.76 -8.48 -26.10
C ILE A 197 -20.46 -8.47 -24.59
N ILE A 198 -19.16 -8.34 -24.26
CA ILE A 198 -18.64 -8.18 -22.90
C ILE A 198 -17.53 -7.11 -22.93
N VAL A 199 -17.59 -6.12 -22.02
CA VAL A 199 -16.60 -5.03 -21.92
C VAL A 199 -16.12 -4.88 -20.46
N SER A 200 -14.80 -4.73 -20.30
CA SER A 200 -14.15 -4.60 -19.00
C SER A 200 -13.57 -3.21 -18.81
N GLY A 201 -13.65 -2.73 -17.58
CA GLY A 201 -13.11 -1.45 -17.16
C GLY A 201 -12.01 -1.69 -16.14
N SER A 202 -10.86 -1.03 -16.33
CA SER A 202 -9.72 -1.23 -15.44
C SER A 202 -8.89 0.03 -15.26
N THR A 203 -7.79 -0.11 -14.51
CA THR A 203 -6.83 0.96 -14.29
C THR A 203 -5.95 1.10 -15.55
N GLU A 204 -6.13 0.17 -16.52
CA GLU A 204 -5.44 0.17 -17.81
C GLU A 204 -6.01 1.31 -18.68
N LYS A 205 -7.06 2.00 -18.15
CA LYS A 205 -7.82 3.11 -18.76
C LYS A 205 -8.64 2.61 -19.96
N VAL A 206 -7.97 2.02 -20.98
CA VAL A 206 -8.52 1.44 -22.22
C VAL A 206 -9.49 0.30 -21.86
N LEU A 207 -10.64 0.24 -22.56
CA LEU A 207 -11.65 -0.78 -22.30
C LEU A 207 -11.64 -1.87 -23.38
N ARG A 208 -11.35 -3.11 -22.94
CA ARG A 208 -11.26 -4.31 -23.77
C ARG A 208 -12.62 -4.97 -23.94
N VAL A 209 -12.88 -5.49 -25.16
CA VAL A 209 -14.14 -6.13 -25.55
C VAL A 209 -13.86 -7.52 -26.16
N TRP A 210 -14.78 -8.46 -25.94
CA TRP A 210 -14.73 -9.82 -26.47
C TRP A 210 -16.15 -10.25 -26.80
N ASP A 211 -16.26 -11.34 -27.57
CA ASP A 211 -17.52 -11.99 -27.86
C ASP A 211 -17.53 -13.09 -26.78
N PRO A 212 -18.43 -13.00 -25.76
CA PRO A 212 -18.41 -14.01 -24.68
C PRO A 212 -18.70 -15.44 -25.14
N ARG A 213 -19.45 -15.56 -26.25
CA ARG A 213 -19.85 -16.81 -26.88
C ARG A 213 -18.63 -17.53 -27.48
N THR A 214 -17.76 -16.81 -28.22
CA THR A 214 -16.58 -17.39 -28.87
C THR A 214 -15.27 -17.15 -28.09
N CYS A 215 -15.32 -16.35 -27.02
CA CYS A 215 -14.19 -16.00 -26.14
C CYS A 215 -13.11 -15.13 -26.81
N ALA A 216 -13.12 -14.98 -28.15
CA ALA A 216 -12.13 -14.21 -28.91
C ALA A 216 -12.27 -12.70 -28.73
N LYS A 217 -11.13 -11.99 -28.82
CA LYS A 217 -11.10 -10.52 -28.67
C LYS A 217 -11.83 -9.81 -29.83
N LEU A 218 -12.28 -8.56 -29.59
CA LEU A 218 -13.05 -7.76 -30.54
C LEU A 218 -12.38 -6.41 -30.84
N MET A 219 -12.15 -5.60 -29.78
CA MET A 219 -11.57 -4.25 -29.87
C MET A 219 -11.03 -3.76 -28.53
N LYS A 220 -10.27 -2.67 -28.59
CA LYS A 220 -9.76 -1.94 -27.44
C LYS A 220 -10.37 -0.54 -27.62
N LEU A 221 -10.76 0.13 -26.53
CA LEU A 221 -11.35 1.46 -26.66
C LEU A 221 -10.57 2.53 -25.90
N LYS A 222 -9.69 3.20 -26.63
CA LYS A 222 -8.85 4.27 -26.10
C LYS A 222 -9.64 5.58 -26.10
N GLY A 223 -9.58 6.28 -24.97
CA GLY A 223 -10.26 7.56 -24.78
C GLY A 223 -10.10 8.10 -23.37
N HIS A 224 -10.21 7.20 -22.38
CA HIS A 224 -10.14 7.52 -20.96
C HIS A 224 -8.73 7.79 -20.44
N THR A 225 -8.61 8.79 -19.55
CA THR A 225 -7.37 9.22 -18.91
C THR A 225 -7.27 8.74 -17.46
N ASP A 226 -8.22 7.88 -17.03
CA ASP A 226 -8.27 7.31 -15.67
C ASP A 226 -9.01 5.96 -15.64
N ASN A 227 -9.31 5.49 -14.43
CA ASN A 227 -9.97 4.22 -14.13
C ASN A 227 -11.47 4.19 -14.51
N VAL A 228 -11.92 3.04 -15.03
CA VAL A 228 -13.33 2.83 -15.38
C VAL A 228 -13.91 1.94 -14.28
N LYS A 229 -14.84 2.51 -13.51
CA LYS A 229 -15.50 1.88 -12.37
C LYS A 229 -17.01 1.64 -12.64
N ALA A 230 -17.53 2.17 -13.77
CA ALA A 230 -18.94 2.05 -14.17
C ALA A 230 -19.06 1.76 -15.67
N LEU A 231 -19.68 0.62 -16.02
CA LEU A 231 -19.88 0.20 -17.41
C LEU A 231 -21.31 -0.23 -17.62
N LEU A 232 -21.89 0.24 -18.73
CA LEU A 232 -23.28 0.01 -19.12
C LEU A 232 -23.36 -0.29 -20.61
N LEU A 233 -24.20 -1.27 -20.97
CA LEU A 233 -24.45 -1.67 -22.35
C LEU A 233 -25.95 -1.67 -22.66
N ASN A 234 -26.31 -1.37 -23.92
CA ASN A 234 -27.69 -1.40 -24.40
C ASN A 234 -28.10 -2.89 -24.63
N ARG A 235 -29.33 -3.16 -25.14
CA ARG A 235 -29.81 -4.53 -25.36
C ARG A 235 -29.00 -5.25 -26.43
N ASP A 236 -28.78 -4.55 -27.57
CA ASP A 236 -28.07 -5.04 -28.74
C ASP A 236 -26.56 -5.15 -28.50
N GLY A 237 -26.03 -4.23 -27.71
CA GLY A 237 -24.60 -4.17 -27.40
C GLY A 237 -23.82 -3.42 -28.45
N THR A 238 -24.53 -2.74 -29.35
CA THR A 238 -23.98 -1.93 -30.43
C THR A 238 -23.31 -0.63 -29.92
N GLN A 239 -23.69 -0.19 -28.70
CA GLN A 239 -23.15 1.02 -28.04
C GLN A 239 -22.92 0.81 -26.54
N CYS A 240 -21.90 1.48 -25.97
CA CYS A 240 -21.55 1.33 -24.55
C CYS A 240 -21.30 2.64 -23.80
N LEU A 241 -21.81 2.71 -22.57
CA LEU A 241 -21.63 3.85 -21.68
C LEU A 241 -20.60 3.55 -20.60
N SER A 242 -19.65 4.47 -20.40
CA SER A 242 -18.57 4.31 -19.45
C SER A 242 -18.35 5.53 -18.54
N GLY A 243 -18.25 5.29 -17.23
CA GLY A 243 -18.02 6.31 -16.21
C GLY A 243 -16.64 6.20 -15.59
N SER A 244 -15.74 7.14 -15.94
CA SER A 244 -14.37 7.09 -15.42
C SER A 244 -14.10 8.03 -14.27
N SER A 245 -13.02 7.72 -13.53
CA SER A 245 -12.52 8.49 -12.39
C SER A 245 -11.93 9.83 -12.85
N ASP A 246 -11.80 9.99 -14.19
CA ASP A 246 -11.34 11.22 -14.84
C ASP A 246 -12.47 12.28 -14.91
N GLY A 247 -13.69 11.85 -14.58
CA GLY A 247 -14.90 12.66 -14.57
C GLY A 247 -15.72 12.62 -15.84
N THR A 248 -15.27 11.86 -16.86
CA THR A 248 -15.98 11.81 -18.14
C THR A 248 -16.86 10.57 -18.31
N ILE A 249 -18.07 10.78 -18.82
CA ILE A 249 -19.01 9.74 -19.21
C ILE A 249 -18.78 9.59 -20.72
N ARG A 250 -18.60 8.38 -21.22
CA ARG A 250 -18.35 8.20 -22.65
C ARG A 250 -19.33 7.23 -23.30
N LEU A 251 -19.89 7.64 -24.44
CA LEU A 251 -20.78 6.82 -25.24
C LEU A 251 -19.90 6.35 -26.38
N TRP A 252 -19.79 5.02 -26.55
CA TRP A 252 -18.93 4.45 -27.58
C TRP A 252 -19.79 3.73 -28.60
N SER A 253 -19.39 3.75 -29.89
CA SER A 253 -20.07 3.01 -30.95
C SER A 253 -19.19 1.80 -31.22
N LEU A 254 -19.68 0.60 -30.87
CA LEU A 254 -18.93 -0.65 -31.02
C LEU A 254 -18.69 -1.05 -32.48
N GLY A 255 -19.70 -0.85 -33.33
CA GLY A 255 -19.60 -1.14 -34.75
C GLY A 255 -18.59 -0.23 -35.44
N GLN A 256 -18.41 0.97 -34.88
CA GLN A 256 -17.46 1.98 -35.37
C GLN A 256 -16.12 1.89 -34.63
N GLN A 257 -16.09 1.18 -33.48
CA GLN A 257 -14.93 0.97 -32.60
C GLN A 257 -14.31 2.31 -32.10
N ARG A 258 -15.17 3.33 -31.84
CA ARG A 258 -14.77 4.67 -31.39
C ARG A 258 -15.81 5.41 -30.55
N CYS A 259 -15.34 6.35 -29.69
CA CYS A 259 -16.17 7.19 -28.83
C CYS A 259 -16.93 8.21 -29.66
N ILE A 260 -18.26 8.14 -29.59
CA ILE A 260 -19.17 9.03 -30.32
C ILE A 260 -19.55 10.27 -29.50
N ALA A 261 -19.57 10.17 -28.14
CA ALA A 261 -19.94 11.30 -27.28
C ALA A 261 -19.22 11.30 -25.94
N THR A 262 -18.64 12.46 -25.54
CA THR A 262 -17.96 12.64 -24.24
C THR A 262 -18.77 13.63 -23.37
N TYR A 263 -19.22 13.19 -22.18
CA TYR A 263 -20.03 13.97 -21.25
C TYR A 263 -19.25 14.33 -19.98
N ARG A 264 -19.00 15.64 -19.78
CA ARG A 264 -18.29 16.14 -18.60
C ARG A 264 -19.29 16.85 -17.68
N VAL A 265 -19.84 16.11 -16.68
CA VAL A 265 -20.86 16.62 -15.75
C VAL A 265 -20.31 16.77 -14.32
N HIS A 266 -19.76 15.69 -13.72
CA HIS A 266 -19.24 15.73 -12.36
C HIS A 266 -17.88 16.42 -12.23
N ASP A 267 -17.67 17.11 -11.09
CA ASP A 267 -16.46 17.87 -10.73
C ASP A 267 -15.32 16.92 -10.40
N GLU A 268 -15.67 15.72 -9.90
CA GLU A 268 -14.76 14.64 -9.53
C GLU A 268 -15.06 13.41 -10.41
N GLY A 269 -14.48 12.25 -10.07
CA GLY A 269 -14.69 11.01 -10.81
C GLY A 269 -16.10 10.47 -10.72
N VAL A 270 -16.53 9.74 -11.76
CA VAL A 270 -17.86 9.11 -11.81
C VAL A 270 -17.69 7.60 -11.57
N TRP A 271 -18.46 7.04 -10.60
CA TRP A 271 -18.34 5.65 -10.17
C TRP A 271 -19.55 4.76 -10.46
N ALA A 272 -20.72 5.36 -10.53
CA ALA A 272 -21.97 4.63 -10.77
C ALA A 272 -22.74 5.19 -11.97
N LEU A 273 -23.41 4.30 -12.71
CA LEU A 273 -24.21 4.65 -13.89
C LEU A 273 -25.47 3.80 -13.98
N GLN A 274 -26.56 4.40 -14.48
CA GLN A 274 -27.88 3.80 -14.70
C GLN A 274 -28.51 4.43 -15.95
N VAL A 275 -29.19 3.65 -16.80
CA VAL A 275 -29.82 4.21 -18.02
C VAL A 275 -31.30 3.88 -18.17
N ASN A 276 -32.06 4.78 -18.85
CA ASN A 276 -33.47 4.56 -19.14
C ASN A 276 -33.60 3.41 -20.14
N ASP A 277 -34.78 2.78 -20.22
CA ASP A 277 -35.05 1.66 -21.13
C ASP A 277 -34.74 1.99 -22.59
N ALA A 278 -34.96 3.26 -22.98
CA ALA A 278 -34.68 3.74 -24.33
C ALA A 278 -33.18 3.74 -24.66
N PHE A 279 -32.34 4.22 -23.69
CA PHE A 279 -30.86 4.40 -23.76
C PHE A 279 -30.56 5.80 -24.32
N THR A 280 -31.42 6.79 -23.96
CA THR A 280 -31.34 8.19 -24.40
C THR A 280 -31.05 9.17 -23.24
N HIS A 281 -31.04 8.64 -21.99
CA HIS A 281 -30.77 9.36 -20.75
C HIS A 281 -29.86 8.56 -19.83
N VAL A 282 -28.84 9.24 -19.25
CA VAL A 282 -27.87 8.61 -18.36
C VAL A 282 -27.93 9.22 -16.95
N TYR A 283 -28.08 8.35 -15.96
CA TYR A 283 -28.14 8.70 -14.54
C TYR A 283 -26.74 8.43 -14.00
N SER A 284 -26.10 9.48 -13.45
CA SER A 284 -24.72 9.42 -12.99
C SER A 284 -24.47 9.95 -11.58
N GLY A 285 -23.54 9.30 -10.88
CA GLY A 285 -23.09 9.62 -9.53
C GLY A 285 -21.62 9.30 -9.31
N GLY A 286 -20.93 10.14 -8.52
CA GLY A 286 -19.52 9.93 -8.25
C GLY A 286 -19.01 10.31 -6.88
N ARG A 287 -17.76 10.78 -6.83
CA ARG A 287 -17.10 11.19 -5.60
C ARG A 287 -17.66 12.52 -5.07
N ASP A 288 -18.18 13.37 -5.99
CA ASP A 288 -18.74 14.70 -5.68
C ASP A 288 -20.15 14.66 -5.02
N ARG A 289 -20.67 13.44 -4.71
CA ARG A 289 -21.95 13.18 -4.02
C ARG A 289 -23.20 13.61 -4.82
N LYS A 290 -23.01 14.23 -6.01
CA LYS A 290 -24.14 14.66 -6.84
C LYS A 290 -24.64 13.56 -7.77
N ILE A 291 -25.97 13.55 -7.99
CA ILE A 291 -26.65 12.60 -8.87
C ILE A 291 -27.34 13.42 -9.98
N TYR A 292 -26.96 13.16 -11.26
CA TYR A 292 -27.49 13.87 -12.42
C TYR A 292 -28.02 12.97 -13.51
N CYS A 293 -29.24 13.29 -14.00
CA CYS A 293 -29.81 12.62 -15.16
C CYS A 293 -29.53 13.54 -16.34
N THR A 294 -28.76 13.04 -17.30
CA THR A 294 -28.39 13.83 -18.46
C THR A 294 -28.92 13.20 -19.73
N ASP A 295 -29.50 14.05 -20.60
CA ASP A 295 -30.05 13.66 -21.90
C ASP A 295 -28.86 13.39 -22.83
N LEU A 296 -28.65 12.11 -23.19
CA LEU A 296 -27.52 11.69 -24.04
C LEU A 296 -27.54 12.36 -25.41
N ARG A 297 -28.75 12.45 -26.01
CA ARG A 297 -29.02 13.06 -27.31
C ARG A 297 -28.53 14.51 -27.37
N ASN A 298 -28.81 15.31 -26.31
CA ASN A 298 -28.37 16.70 -26.17
C ASN A 298 -27.97 16.89 -24.70
N PRO A 299 -26.66 17.03 -24.41
CA PRO A 299 -26.21 17.09 -23.00
C PRO A 299 -26.60 18.34 -22.22
N ASP A 300 -26.98 19.44 -22.92
CA ASP A 300 -27.38 20.69 -22.30
C ASP A 300 -28.62 20.56 -21.39
N ILE A 301 -29.39 19.47 -21.58
CA ILE A 301 -30.58 19.15 -20.78
C ILE A 301 -30.18 18.15 -19.66
N ARG A 302 -29.49 18.68 -18.64
CA ARG A 302 -28.97 17.96 -17.47
C ARG A 302 -29.78 18.34 -16.22
N VAL A 303 -30.43 17.36 -15.60
CA VAL A 303 -31.25 17.55 -14.40
C VAL A 303 -30.49 17.03 -13.18
N LEU A 304 -30.49 17.81 -12.08
CA LEU A 304 -29.87 17.41 -10.82
C LEU A 304 -30.95 16.76 -9.93
N ILE A 305 -30.74 15.51 -9.53
CA ILE A 305 -31.69 14.78 -8.67
C ILE A 305 -31.49 15.29 -7.24
N CYS A 306 -30.26 15.13 -6.70
CA CYS A 306 -29.82 15.62 -5.38
C CYS A 306 -28.33 15.43 -5.13
N GLU A 307 -27.89 15.84 -3.93
CA GLU A 307 -26.54 15.75 -3.39
C GLU A 307 -26.65 14.88 -2.13
N GLU A 308 -25.95 13.74 -2.13
CA GLU A 308 -25.93 12.82 -0.99
C GLU A 308 -25.00 13.31 0.14
N LYS A 309 -25.05 12.64 1.30
CA LYS A 309 -24.22 13.02 2.45
C LYS A 309 -22.87 12.27 2.42
N ALA A 310 -22.66 11.44 1.38
CA ALA A 310 -21.47 10.61 1.17
C ALA A 310 -21.28 10.27 -0.32
N PRO A 311 -20.02 10.04 -0.83
CA PRO A 311 -19.83 9.75 -2.27
C PRO A 311 -20.56 8.50 -2.76
N VAL A 312 -21.29 8.64 -3.89
CA VAL A 312 -22.10 7.60 -4.54
C VAL A 312 -21.24 6.45 -5.08
N LEU A 313 -21.51 5.22 -4.57
CA LEU A 313 -20.78 3.99 -4.92
C LEU A 313 -21.43 3.17 -6.04
N LYS A 314 -22.79 3.06 -6.05
CA LYS A 314 -23.58 2.31 -7.02
C LYS A 314 -25.04 2.74 -6.94
N MET A 315 -25.77 2.66 -8.08
CA MET A 315 -27.19 3.04 -8.16
C MET A 315 -28.01 1.98 -8.85
N GLU A 316 -29.32 1.93 -8.55
CA GLU A 316 -30.27 0.99 -9.12
C GLU A 316 -31.63 1.66 -9.28
N LEU A 317 -32.13 1.69 -10.52
CA LEU A 317 -33.41 2.30 -10.88
C LEU A 317 -34.59 1.42 -10.54
N ASP A 318 -35.74 2.07 -10.33
CA ASP A 318 -37.03 1.42 -10.13
C ASP A 318 -37.55 1.33 -11.56
N ARG A 319 -37.43 0.15 -12.19
CA ARG A 319 -37.82 -0.03 -13.59
C ARG A 319 -39.28 -0.52 -13.78
N SER A 320 -40.16 -0.20 -12.80
CA SER A 320 -41.58 -0.55 -12.79
C SER A 320 -42.38 0.14 -13.90
N ALA A 321 -41.95 1.35 -14.29
CA ALA A 321 -42.56 2.18 -15.34
C ALA A 321 -41.50 3.03 -16.07
N ASP A 322 -41.84 3.52 -17.28
CA ASP A 322 -40.98 4.37 -18.07
C ASP A 322 -41.65 5.73 -18.26
N PRO A 323 -41.04 6.86 -17.79
CA PRO A 323 -39.71 7.01 -17.16
C PRO A 323 -39.62 6.35 -15.77
N PRO A 324 -38.40 5.93 -15.33
CA PRO A 324 -38.27 5.31 -13.99
C PRO A 324 -38.76 6.21 -12.85
N PRO A 325 -39.67 5.73 -11.96
CA PRO A 325 -40.22 6.60 -10.91
C PRO A 325 -39.36 6.89 -9.70
N ALA A 326 -38.33 6.04 -9.45
CA ALA A 326 -37.42 6.15 -8.31
C ALA A 326 -36.03 5.64 -8.64
N ILE A 327 -35.07 5.95 -7.76
CA ILE A 327 -33.68 5.52 -7.86
C ILE A 327 -33.14 5.23 -6.45
N TRP A 328 -32.49 4.06 -6.29
CA TRP A 328 -31.88 3.63 -5.03
C TRP A 328 -30.38 3.96 -5.09
N VAL A 329 -29.89 4.68 -4.07
CA VAL A 329 -28.50 5.16 -4.02
C VAL A 329 -27.71 4.54 -2.87
N ALA A 330 -26.61 3.83 -3.22
CA ALA A 330 -25.65 3.23 -2.28
C ALA A 330 -24.42 4.14 -2.24
N THR A 331 -23.98 4.45 -1.01
CA THR A 331 -22.84 5.32 -0.73
C THR A 331 -22.01 4.73 0.41
N THR A 332 -20.89 5.40 0.72
CA THR A 332 -19.94 5.19 1.81
C THR A 332 -20.68 5.02 3.16
N LYS A 333 -21.78 5.79 3.35
CA LYS A 333 -22.65 5.71 4.51
C LYS A 333 -23.49 4.40 4.47
N SER A 334 -23.71 3.80 5.65
CA SER A 334 -24.44 2.56 5.83
C SER A 334 -25.97 2.65 5.59
N THR A 335 -26.48 3.86 5.34
CA THR A 335 -27.90 4.12 5.07
C THR A 335 -28.14 4.14 3.54
N VAL A 336 -29.08 3.31 3.06
CA VAL A 336 -29.47 3.26 1.64
C VAL A 336 -30.75 4.11 1.43
N ASN A 337 -30.68 5.09 0.51
CA ASN A 337 -31.80 5.99 0.22
C ASN A 337 -32.49 5.73 -1.14
N LYS A 338 -33.82 5.94 -1.19
CA LYS A 338 -34.61 5.86 -2.42
C LYS A 338 -35.12 7.26 -2.70
N TRP A 339 -34.72 7.83 -3.84
CA TRP A 339 -35.12 9.18 -4.24
C TRP A 339 -36.13 9.10 -5.38
N THR A 340 -37.29 9.78 -5.25
CA THR A 340 -38.31 9.75 -6.30
C THR A 340 -37.92 10.63 -7.48
N LEU A 341 -37.86 10.02 -8.67
CA LEU A 341 -37.54 10.68 -9.93
C LEU A 341 -38.75 11.39 -10.53
N LYS A 342 -39.97 10.99 -10.12
CA LYS A 342 -41.21 11.59 -10.61
C LYS A 342 -41.23 13.10 -10.41
N GLY A 343 -41.08 13.80 -11.52
CA GLY A 343 -41.02 15.26 -11.60
C GLY A 343 -40.14 15.75 -12.74
N ILE A 344 -39.30 14.85 -13.32
CA ILE A 344 -38.36 15.10 -14.44
C ILE A 344 -39.11 15.70 -15.64
N HIS A 345 -40.26 15.09 -16.00
CA HIS A 345 -41.13 15.52 -17.09
C HIS A 345 -41.71 16.94 -16.85
N ASN A 346 -41.94 17.32 -15.58
CA ASN A 346 -42.50 18.63 -15.16
C ASN A 346 -41.44 19.73 -14.99
N PHE A 347 -40.33 19.41 -14.28
CA PHE A 347 -39.22 20.31 -13.98
C PHE A 347 -38.41 20.62 -15.25
N ILE A 361 -27.38 24.95 -9.79
CA ILE A 361 -28.41 23.94 -10.09
C ILE A 361 -29.23 23.58 -8.85
N THR A 362 -30.56 23.69 -8.96
CA THR A 362 -31.50 23.36 -7.89
C THR A 362 -31.93 21.87 -8.02
N PRO A 363 -31.85 21.06 -6.95
CA PRO A 363 -32.23 19.66 -7.08
C PRO A 363 -33.74 19.41 -7.05
N LEU A 364 -34.16 18.32 -7.69
CA LEU A 364 -35.52 17.80 -7.75
C LEU A 364 -35.92 17.24 -6.37
N CYS A 365 -34.90 16.81 -5.59
CA CYS A 365 -35.05 16.21 -4.26
C CYS A 365 -34.22 16.96 -3.21
N THR A 366 -34.63 16.85 -1.93
CA THR A 366 -33.96 17.40 -0.75
C THR A 366 -33.86 16.29 0.29
N GLN A 367 -34.97 15.53 0.45
CA GLN A 367 -35.10 14.40 1.36
C GLN A 367 -35.52 13.17 0.55
N PRO A 368 -35.05 11.95 0.90
CA PRO A 368 -35.54 10.77 0.18
C PRO A 368 -36.93 10.40 0.69
N ASP A 369 -37.70 9.65 -0.11
CA ASP A 369 -39.03 9.25 0.34
C ASP A 369 -38.95 7.95 1.15
N GLN A 370 -38.20 6.94 0.67
CA GLN A 370 -37.98 5.66 1.36
C GLN A 370 -36.51 5.53 1.77
N VAL A 371 -36.26 5.17 3.05
CA VAL A 371 -34.91 5.05 3.62
C VAL A 371 -34.71 3.71 4.35
N ILE A 372 -33.61 3.03 3.99
CA ILE A 372 -33.19 1.80 4.66
C ILE A 372 -32.12 2.26 5.66
N LYS A 373 -32.38 2.01 6.94
CA LYS A 373 -31.52 2.40 8.06
C LYS A 373 -30.12 1.76 7.99
N GLY A 374 -29.15 2.43 8.63
CA GLY A 374 -27.77 1.96 8.69
C GLY A 374 -27.12 2.21 10.03
N GLY A 375 -26.45 1.19 10.54
CA GLY A 375 -25.73 1.25 11.81
C GLY A 375 -24.34 1.84 11.68
N ALA A 376 -23.73 2.21 12.82
CA ALA A 376 -22.40 2.80 12.89
C ALA A 376 -21.30 1.82 12.51
N SER A 377 -20.25 2.35 11.88
CA SER A 377 -19.06 1.63 11.44
C SER A 377 -17.90 2.11 12.30
N ILE A 378 -17.11 1.16 12.86
CA ILE A 378 -15.93 1.52 13.64
C ILE A 378 -14.86 2.03 12.65
N ILE A 379 -14.56 3.33 12.75
CA ILE A 379 -13.62 4.05 11.89
C ILE A 379 -12.22 4.15 12.49
N GLN A 380 -12.11 4.22 13.83
CA GLN A 380 -10.85 4.35 14.56
C GLN A 380 -10.76 3.33 15.68
N CYS A 381 -9.56 2.81 15.92
CA CYS A 381 -9.34 1.84 16.99
C CYS A 381 -7.95 1.96 17.60
N HIS A 382 -7.87 1.92 18.95
CA HIS A 382 -6.63 1.96 19.71
C HIS A 382 -6.54 0.79 20.69
N ILE A 383 -5.40 0.07 20.67
CA ILE A 383 -5.12 -1.04 21.61
C ILE A 383 -4.31 -0.45 22.77
N LEU A 384 -4.86 -0.53 23.98
CA LEU A 384 -4.21 0.00 25.18
C LEU A 384 -3.01 -0.84 25.63
N ASN A 385 -2.16 -0.29 26.54
CA ASN A 385 -0.91 -0.89 27.05
C ASN A 385 -1.05 -2.29 27.62
N ASP A 386 -2.23 -2.63 28.18
CA ASP A 386 -2.59 -3.98 28.60
C ASP A 386 -3.06 -4.54 27.28
N LYS A 387 -2.58 -5.68 26.83
CA LYS A 387 -3.07 -6.04 25.48
C LYS A 387 -4.39 -6.82 25.55
N ARG A 388 -5.36 -6.27 26.31
CA ARG A 388 -6.68 -6.85 26.56
C ARG A 388 -7.79 -5.87 26.16
N HIS A 389 -7.58 -4.56 26.38
CA HIS A 389 -8.62 -3.59 26.11
C HIS A 389 -8.41 -2.76 24.86
N ILE A 390 -9.53 -2.31 24.26
CA ILE A 390 -9.56 -1.49 23.05
C ILE A 390 -10.51 -0.30 23.15
N LEU A 391 -10.10 0.86 22.62
CA LEU A 391 -10.94 2.05 22.49
C LEU A 391 -11.32 2.17 21.03
N THR A 392 -12.58 2.55 20.74
CA THR A 392 -13.04 2.70 19.36
C THR A 392 -13.87 3.96 19.17
N LYS A 393 -13.73 4.60 18.00
CA LYS A 393 -14.53 5.76 17.60
C LYS A 393 -15.37 5.32 16.39
N ASP A 394 -16.70 5.28 16.54
CA ASP A 394 -17.56 4.92 15.43
C ASP A 394 -17.89 6.15 14.55
N THR A 395 -18.60 5.92 13.44
CA THR A 395 -18.99 6.98 12.48
C THR A 395 -19.81 8.10 13.12
N ASN A 396 -20.54 7.81 14.22
CA ASN A 396 -21.37 8.75 14.96
C ASN A 396 -20.58 9.53 16.04
N ASN A 397 -19.23 9.37 16.04
CA ASN A 397 -18.24 9.98 16.93
C ASN A 397 -18.39 9.51 18.39
N ASN A 398 -19.02 8.34 18.61
CA ASN A 398 -19.19 7.72 19.93
C ASN A 398 -17.96 6.89 20.21
N VAL A 399 -17.48 6.96 21.45
CA VAL A 399 -16.29 6.21 21.88
C VAL A 399 -16.71 5.04 22.80
N ALA A 400 -16.16 3.85 22.56
CA ALA A 400 -16.47 2.66 23.33
C ALA A 400 -15.24 1.89 23.83
N TYR A 401 -15.34 1.37 25.05
CA TYR A 401 -14.29 0.59 25.69
C TYR A 401 -14.66 -0.87 25.41
N TRP A 402 -13.67 -1.72 25.02
CA TRP A 402 -13.91 -3.12 24.67
C TRP A 402 -12.91 -4.07 25.32
N ASP A 403 -13.37 -5.29 25.65
CA ASP A 403 -12.55 -6.38 26.17
C ASP A 403 -12.34 -7.34 25.02
N VAL A 404 -11.08 -7.47 24.59
CA VAL A 404 -10.68 -8.35 23.47
C VAL A 404 -10.79 -9.78 23.92
N LEU A 405 -10.11 -10.12 25.01
CA LEU A 405 -10.08 -11.46 25.55
C LEU A 405 -11.47 -12.08 25.78
N LYS A 406 -12.37 -11.41 26.52
CA LYS A 406 -13.73 -11.88 26.82
C LYS A 406 -14.71 -11.61 25.66
N ALA A 407 -14.19 -11.08 24.51
CA ALA A 407 -14.87 -10.75 23.24
C ALA A 407 -16.18 -9.97 23.40
N CYS A 408 -16.10 -8.75 23.99
CA CYS A 408 -17.30 -7.95 24.27
C CYS A 408 -17.00 -6.50 24.58
N LYS A 409 -18.02 -5.64 24.39
CA LYS A 409 -17.99 -4.23 24.74
C LYS A 409 -18.17 -4.17 26.27
N VAL A 410 -17.25 -3.49 26.95
CA VAL A 410 -17.30 -3.36 28.40
C VAL A 410 -18.02 -2.09 28.78
N GLU A 411 -17.77 -0.99 28.05
CA GLU A 411 -18.39 0.30 28.36
C GLU A 411 -18.67 1.15 27.11
N ASP A 412 -19.68 2.02 27.23
CA ASP A 412 -20.07 2.98 26.21
C ASP A 412 -19.72 4.32 26.81
N LEU A 413 -18.86 5.08 26.13
CA LEU A 413 -18.40 6.36 26.67
C LEU A 413 -19.04 7.58 26.00
N GLY A 414 -19.82 7.35 24.93
CA GLY A 414 -20.51 8.40 24.19
C GLY A 414 -19.61 9.40 23.49
N LYS A 415 -20.21 10.47 22.93
CA LYS A 415 -19.52 11.52 22.17
C LYS A 415 -18.54 12.35 23.04
N VAL A 416 -17.32 11.78 23.22
CA VAL A 416 -16.17 12.30 24.00
C VAL A 416 -14.92 12.42 23.10
N ASP A 417 -13.85 13.10 23.58
CA ASP A 417 -12.61 13.23 22.82
C ASP A 417 -11.86 11.90 22.86
N PHE A 418 -11.73 11.25 21.69
CA PHE A 418 -11.06 9.96 21.52
C PHE A 418 -9.57 10.07 21.76
N GLU A 419 -8.92 11.12 21.22
CA GLU A 419 -7.48 11.33 21.36
C GLU A 419 -7.08 11.47 22.83
N ASP A 420 -7.79 12.35 23.56
CA ASP A 420 -7.59 12.62 25.00
C ASP A 420 -7.86 11.37 25.81
N GLU A 421 -8.97 10.65 25.53
CA GLU A 421 -9.38 9.42 26.20
C GLU A 421 -8.32 8.33 26.18
N ILE A 422 -7.59 8.18 25.06
CA ILE A 422 -6.51 7.20 24.87
C ILE A 422 -5.41 7.46 25.91
N LYS A 423 -5.03 8.75 26.01
CA LYS A 423 -4.02 9.32 26.90
C LYS A 423 -4.52 9.23 28.36
N LYS A 424 -5.84 9.45 28.57
CA LYS A 424 -6.53 9.40 29.86
C LYS A 424 -6.61 7.97 30.40
N ARG A 425 -6.66 6.99 29.50
CA ARG A 425 -6.72 5.59 29.88
C ARG A 425 -5.36 4.90 29.75
N PHE A 426 -4.27 5.70 29.83
CA PHE A 426 -2.91 5.17 29.76
C PHE A 426 -2.61 4.17 30.89
N LYS A 427 -1.95 3.07 30.52
CA LYS A 427 -1.61 2.00 31.44
C LYS A 427 -0.08 1.86 31.56
N MET A 428 0.44 1.87 32.79
CA MET A 428 1.90 1.73 32.97
C MET A 428 2.32 0.24 33.06
N VAL A 429 2.07 -0.52 31.98
CA VAL A 429 2.38 -1.94 31.86
C VAL A 429 3.07 -2.30 30.54
N TYR A 430 3.89 -3.37 30.56
CA TYR A 430 4.38 -3.90 29.30
C TYR A 430 3.79 -5.27 29.08
N VAL A 431 2.98 -5.39 28.02
CA VAL A 431 2.41 -6.64 27.58
C VAL A 431 2.77 -6.68 26.08
N PRO A 432 3.43 -7.76 25.57
CA PRO A 432 3.75 -7.78 24.13
C PRO A 432 2.48 -7.95 23.32
N ASN A 433 2.47 -7.47 22.07
CA ASN A 433 1.28 -7.66 21.24
C ASN A 433 1.08 -9.14 20.97
N TRP A 434 -0.19 -9.57 20.86
CA TRP A 434 -0.55 -10.97 20.59
C TRP A 434 -1.73 -11.12 19.57
N PHE A 435 -2.41 -10.00 19.26
CA PHE A 435 -3.52 -9.99 18.30
C PHE A 435 -3.45 -8.81 17.31
N SER A 436 -4.34 -8.86 16.30
CA SER A 436 -4.46 -7.91 15.23
C SER A 436 -5.90 -7.46 15.19
N VAL A 437 -6.13 -6.24 14.76
CA VAL A 437 -7.48 -5.69 14.64
C VAL A 437 -7.73 -5.25 13.18
N ASP A 438 -8.98 -5.42 12.66
CA ASP A 438 -9.32 -4.93 11.33
C ASP A 438 -10.77 -4.48 11.25
N LEU A 439 -10.92 -3.22 10.87
CA LEU A 439 -12.22 -2.57 10.80
C LEU A 439 -12.72 -2.47 9.35
N LYS A 440 -12.32 -3.44 8.51
CA LYS A 440 -12.70 -3.53 7.10
C LYS A 440 -14.20 -3.76 6.93
N THR A 441 -14.83 -4.40 7.91
CA THR A 441 -16.27 -4.71 7.91
C THR A 441 -17.05 -3.66 8.70
N GLY A 442 -16.35 -2.73 9.35
CA GLY A 442 -16.97 -1.75 10.22
C GLY A 442 -17.22 -2.34 11.60
N MET A 443 -17.16 -3.68 11.70
CA MET A 443 -17.25 -4.45 12.94
C MET A 443 -15.82 -4.83 13.35
N LEU A 444 -15.57 -4.98 14.67
CA LEU A 444 -14.26 -5.37 15.22
C LEU A 444 -13.93 -6.81 14.86
N THR A 445 -12.79 -7.03 14.19
CA THR A 445 -12.37 -8.36 13.82
C THR A 445 -10.97 -8.57 14.39
N ILE A 446 -10.78 -9.61 15.22
CA ILE A 446 -9.52 -9.93 15.88
C ILE A 446 -8.82 -11.11 15.24
N THR A 447 -7.53 -10.96 14.91
CA THR A 447 -6.76 -12.01 14.26
C THR A 447 -5.64 -12.53 15.13
N LEU A 448 -5.65 -13.84 15.36
CA LEU A 448 -4.65 -14.55 16.12
C LEU A 448 -3.77 -15.27 15.12
N ASP A 449 -2.48 -14.92 15.12
CA ASP A 449 -1.46 -15.49 14.24
C ASP A 449 -0.36 -16.14 15.06
N GLU A 450 0.07 -17.33 14.61
CA GLU A 450 1.11 -18.17 15.19
C GLU A 450 2.33 -17.41 15.72
N SER A 451 2.86 -16.47 14.92
CA SER A 451 4.05 -15.68 15.24
C SER A 451 4.02 -14.95 16.60
N ASP A 452 2.86 -14.38 16.98
CA ASP A 452 2.76 -13.62 18.22
C ASP A 452 1.61 -13.99 19.16
N CYS A 453 0.72 -14.93 18.77
CA CYS A 453 -0.42 -15.36 19.58
C CYS A 453 -0.08 -15.72 21.05
N PHE A 454 0.97 -16.51 21.26
CA PHE A 454 1.32 -16.93 22.61
C PHE A 454 2.45 -16.11 23.23
N ALA A 455 2.58 -14.86 22.77
CA ALA A 455 3.64 -13.97 23.22
C ALA A 455 3.38 -13.29 24.57
N ALA A 456 2.09 -13.18 24.96
CA ALA A 456 1.71 -12.48 26.18
C ALA A 456 1.23 -13.37 27.32
N TRP A 457 2.01 -13.37 28.41
CA TRP A 457 1.74 -14.04 29.67
C TRP A 457 1.49 -12.97 30.72
N VAL A 458 0.33 -13.01 31.37
CA VAL A 458 -0.04 -12.06 32.43
C VAL A 458 -0.44 -12.78 33.72
N SER A 459 -0.35 -12.08 34.87
CA SER A 459 -0.75 -12.63 36.16
C SER A 459 -2.28 -12.68 36.22
N ALA A 460 -2.86 -13.81 36.73
CA ALA A 460 -4.31 -14.03 36.87
C ALA A 460 -4.99 -12.92 37.66
N LYS A 461 -4.32 -12.40 38.73
CA LYS A 461 -4.78 -11.29 39.58
C LYS A 461 -4.77 -10.01 38.73
N ASP A 462 -3.67 -9.78 37.99
CA ASP A 462 -3.47 -8.63 37.11
C ASP A 462 -4.42 -8.66 35.90
N ALA A 463 -5.00 -9.84 35.59
CA ALA A 463 -5.94 -10.08 34.50
C ALA A 463 -7.41 -10.02 34.98
N GLY A 464 -7.59 -9.77 36.28
CA GLY A 464 -8.91 -9.62 36.91
C GLY A 464 -9.53 -10.90 37.42
N PHE A 465 -9.00 -12.07 36.99
CA PHE A 465 -9.52 -13.38 37.38
C PHE A 465 -9.13 -13.77 38.81
N SER A 466 -9.84 -13.18 39.79
CA SER A 466 -9.64 -13.39 41.22
C SER A 466 -10.08 -14.81 41.58
N SER A 467 -9.17 -15.56 42.22
CA SER A 467 -9.39 -16.96 42.60
C SER A 467 -9.11 -17.21 44.10
N PRO A 468 -10.09 -17.01 45.02
CA PRO A 468 -9.82 -17.22 46.45
C PRO A 468 -9.97 -18.68 46.93
N ASP A 469 -8.95 -19.27 47.59
CA ASP A 469 -7.67 -18.61 47.91
C ASP A 469 -6.47 -19.33 47.27
N GLY A 470 -6.48 -19.35 45.94
CA GLY A 470 -5.40 -19.90 45.13
C GLY A 470 -4.51 -18.79 44.60
N SER A 471 -3.18 -18.98 44.66
CA SER A 471 -2.19 -18.00 44.19
C SER A 471 -2.26 -17.82 42.67
N ASP A 472 -2.22 -16.55 42.21
CA ASP A 472 -2.34 -16.14 40.81
C ASP A 472 -1.20 -16.67 39.90
N PRO A 473 -1.52 -17.65 39.01
CA PRO A 473 -0.48 -18.14 38.09
C PRO A 473 -0.34 -17.25 36.86
N LYS A 474 0.76 -17.42 36.10
CA LYS A 474 0.97 -16.67 34.87
C LYS A 474 0.21 -17.39 33.76
N LEU A 475 -0.77 -16.68 33.19
CA LEU A 475 -1.69 -17.16 32.15
C LEU A 475 -1.30 -16.57 30.81
N ASN A 476 -1.31 -17.40 29.76
CA ASN A 476 -1.01 -16.96 28.39
C ASN A 476 -2.30 -16.58 27.67
N LEU A 477 -2.57 -15.27 27.58
CA LEU A 477 -3.76 -14.66 26.97
C LEU A 477 -4.25 -15.30 25.70
N GLY A 478 -3.34 -15.46 24.71
CA GLY A 478 -3.64 -16.09 23.42
C GLY A 478 -4.21 -17.50 23.55
N GLY A 479 -3.52 -18.33 24.33
CA GLY A 479 -3.92 -19.70 24.63
C GLY A 479 -5.31 -19.73 25.23
N LEU A 480 -5.49 -19.03 26.36
CA LEU A 480 -6.75 -18.88 27.09
C LEU A 480 -7.92 -18.54 26.17
N LEU A 481 -7.70 -17.63 25.18
CA LEU A 481 -8.69 -17.20 24.19
C LEU A 481 -8.99 -18.32 23.20
N LEU A 482 -7.93 -18.90 22.57
CA LEU A 482 -8.07 -19.99 21.61
C LEU A 482 -8.93 -21.09 22.19
N GLN A 483 -8.73 -21.41 23.49
CA GLN A 483 -9.49 -22.39 24.24
C GLN A 483 -10.95 -21.97 24.31
N ALA A 484 -11.22 -20.69 24.68
CA ALA A 484 -12.56 -20.14 24.81
C ALA A 484 -13.33 -20.10 23.49
N LEU A 485 -12.60 -19.96 22.35
CA LEU A 485 -13.17 -19.92 21.00
C LEU A 485 -13.61 -21.31 20.53
N LEU A 486 -12.77 -22.34 20.77
CA LEU A 486 -13.05 -23.73 20.40
C LEU A 486 -13.49 -24.51 21.65
N GLU A 487 -14.25 -23.83 22.55
CA GLU A 487 -14.74 -24.38 23.81
C GLU A 487 -15.69 -25.56 23.60
N TYR A 488 -16.54 -25.47 22.56
CA TYR A 488 -17.55 -26.47 22.26
C TYR A 488 -17.03 -27.62 21.35
N TRP A 489 -15.74 -27.58 20.96
CA TRP A 489 -15.15 -28.63 20.12
C TRP A 489 -14.89 -29.88 20.96
N PRO A 490 -15.56 -31.03 20.65
CA PRO A 490 -15.35 -32.25 21.47
C PRO A 490 -13.90 -32.71 21.63
N ARG A 491 -13.07 -32.50 20.58
CA ARG A 491 -11.64 -32.83 20.56
C ARG A 491 -10.86 -32.21 21.73
N THR A 492 -11.30 -30.99 22.17
CA THR A 492 -10.70 -30.22 23.28
C THR A 492 -11.18 -30.70 24.67
N HIS A 493 -12.27 -31.49 24.72
CA HIS A 493 -12.82 -31.98 25.99
C HIS A 493 -12.02 -33.13 26.57
N LYS A 517 -12.84 -29.25 29.03
CA LYS A 517 -13.99 -28.34 29.03
C LYS A 517 -13.73 -26.99 28.29
N GLY A 518 -13.09 -26.03 28.95
CA GLY A 518 -12.74 -24.73 28.39
C GLY A 518 -11.47 -24.19 29.02
N ASN A 519 -11.29 -22.85 29.00
CA ASN A 519 -10.12 -22.20 29.62
C ASN A 519 -10.18 -22.20 31.15
N GLY A 520 -11.40 -22.17 31.70
CA GLY A 520 -11.67 -22.22 33.13
C GLY A 520 -11.58 -20.91 33.87
N TYR A 521 -11.72 -19.77 33.17
CA TYR A 521 -11.64 -18.44 33.80
C TYR A 521 -12.79 -17.54 33.33
N PHE A 522 -12.95 -17.43 32.00
CA PHE A 522 -13.95 -16.60 31.36
C PHE A 522 -14.64 -17.35 30.22
N GLN A 523 -15.69 -16.74 29.67
CA GLN A 523 -16.44 -17.30 28.55
C GLN A 523 -16.57 -16.26 27.45
N VAL A 524 -16.49 -16.72 26.22
CA VAL A 524 -16.64 -15.86 25.05
C VAL A 524 -18.10 -16.00 24.60
N PRO A 525 -18.79 -14.90 24.15
CA PRO A 525 -20.20 -15.03 23.72
C PRO A 525 -20.40 -16.17 22.72
N PRO A 526 -21.35 -17.09 22.98
CA PRO A 526 -21.50 -18.28 22.12
C PRO A 526 -21.86 -18.04 20.65
N HIS A 527 -22.29 -16.81 20.29
CA HIS A 527 -22.63 -16.48 18.90
C HIS A 527 -21.45 -15.87 18.09
N THR A 528 -20.24 -15.89 18.68
CA THR A 528 -19.01 -15.33 18.11
C THR A 528 -18.58 -16.04 16.81
N PRO A 529 -18.55 -15.31 15.68
CA PRO A 529 -18.04 -15.89 14.43
C PRO A 529 -16.55 -16.22 14.58
N VAL A 530 -16.18 -17.48 14.33
CA VAL A 530 -14.82 -17.99 14.40
C VAL A 530 -14.40 -18.45 13.02
N ILE A 531 -13.52 -17.68 12.38
CA ILE A 531 -13.04 -17.92 11.03
C ILE A 531 -11.61 -18.47 11.07
N PHE A 532 -11.32 -19.43 10.18
CA PHE A 532 -10.01 -20.07 9.96
C PHE A 532 -9.67 -19.84 8.51
N GLY A 533 -8.54 -19.22 8.25
CA GLY A 533 -8.15 -18.92 6.89
C GLY A 533 -6.67 -18.64 6.72
N GLU A 534 -6.21 -18.63 5.48
CA GLU A 534 -4.81 -18.38 5.16
C GLU A 534 -4.53 -16.90 5.28
N ALA A 535 -3.25 -16.57 5.61
CA ALA A 535 -2.71 -15.22 5.75
C ALA A 535 -2.91 -14.39 4.46
N GLY A 536 -2.69 -15.04 3.30
CA GLY A 536 -2.88 -14.46 1.98
C GLY A 536 -4.28 -13.91 1.80
N GLY A 537 -5.28 -14.80 1.77
CA GLY A 537 -6.66 -14.38 1.65
C GLY A 537 -7.71 -15.45 1.74
N ARG A 538 -7.43 -16.64 1.17
CA ARG A 538 -8.39 -17.75 1.13
C ARG A 538 -8.83 -18.24 2.52
N THR A 539 -10.17 -18.18 2.77
CA THR A 539 -10.79 -18.67 4.00
C THR A 539 -10.88 -20.18 3.88
N LEU A 540 -10.80 -20.89 5.00
CA LEU A 540 -10.85 -22.34 4.98
C LEU A 540 -12.20 -22.79 5.49
N PHE A 541 -12.59 -22.26 6.65
CA PHE A 541 -13.85 -22.60 7.31
C PHE A 541 -14.30 -21.46 8.23
N ARG A 542 -15.62 -21.33 8.41
CA ARG A 542 -16.27 -20.30 9.24
C ARG A 542 -17.38 -20.99 10.04
N LEU A 543 -17.55 -20.60 11.31
CA LEU A 543 -18.57 -21.16 12.21
C LEU A 543 -18.82 -20.31 13.46
N LEU A 544 -19.96 -20.49 14.12
CA LEU A 544 -20.22 -19.79 15.36
C LEU A 544 -19.63 -20.63 16.46
N CYS A 545 -19.07 -19.98 17.49
CA CYS A 545 -18.45 -20.62 18.65
C CYS A 545 -19.21 -21.88 19.15
N ARG A 546 -20.55 -21.77 19.30
CA ARG A 546 -21.44 -22.83 19.76
C ARG A 546 -21.61 -24.00 18.79
N ASP A 547 -21.37 -23.77 17.49
CA ASP A 547 -21.55 -24.78 16.44
C ASP A 547 -20.42 -25.83 16.36
N SER A 548 -19.29 -25.62 17.06
CA SER A 548 -18.13 -26.55 17.13
C SER A 548 -18.54 -27.98 17.54
N GLY A 549 -19.59 -28.07 18.37
CA GLY A 549 -20.13 -29.32 18.90
C GLY A 549 -20.76 -30.28 17.90
N GLY A 550 -21.31 -29.73 16.82
CA GLY A 550 -21.93 -30.51 15.76
C GLY A 550 -20.95 -31.39 15.01
N GLU A 551 -21.39 -32.61 14.60
CA GLU A 551 -20.61 -33.63 13.88
C GLU A 551 -19.89 -33.13 12.65
N THR A 552 -20.65 -32.52 11.74
CA THR A 552 -20.16 -32.03 10.48
C THR A 552 -19.15 -30.86 10.71
N GLU A 553 -19.45 -29.96 11.67
CA GLU A 553 -18.59 -28.83 12.02
C GLU A 553 -17.31 -29.34 12.67
N SER A 554 -17.45 -30.31 13.62
CA SER A 554 -16.34 -30.94 14.33
C SER A 554 -15.39 -31.64 13.36
N MET A 555 -15.96 -32.27 12.31
CA MET A 555 -15.21 -32.90 11.21
C MET A 555 -14.42 -31.82 10.45
N LEU A 556 -15.11 -30.71 10.10
CA LEU A 556 -14.53 -29.59 9.37
C LEU A 556 -13.38 -28.95 10.13
N LEU A 557 -13.55 -28.79 11.48
CA LEU A 557 -12.54 -28.28 12.39
C LEU A 557 -11.28 -29.14 12.28
N ASN A 558 -11.45 -30.48 12.28
CA ASN A 558 -10.36 -31.44 12.14
C ASN A 558 -9.55 -31.29 10.83
N GLU A 559 -10.18 -30.78 9.75
CA GLU A 559 -9.47 -30.64 8.49
C GLU A 559 -8.91 -29.24 8.25
N THR A 560 -9.30 -28.25 9.08
CA THR A 560 -8.88 -26.85 8.91
C THR A 560 -8.02 -26.31 10.05
N VAL A 561 -8.37 -26.60 11.34
CA VAL A 561 -7.63 -26.14 12.53
C VAL A 561 -6.12 -26.49 12.40
N PRO A 562 -5.20 -25.47 12.37
CA PRO A 562 -3.76 -25.76 12.24
C PRO A 562 -3.14 -26.41 13.47
N GLN A 563 -1.92 -26.97 13.31
CA GLN A 563 -1.22 -27.66 14.40
C GLN A 563 -0.87 -26.75 15.55
N TRP A 564 -0.45 -25.49 15.25
CA TRP A 564 -0.11 -24.51 16.28
C TRP A 564 -1.26 -24.26 17.24
N VAL A 565 -2.51 -24.33 16.74
CA VAL A 565 -3.73 -24.18 17.55
C VAL A 565 -4.00 -25.48 18.32
N ILE A 566 -3.89 -26.63 17.62
CA ILE A 566 -4.13 -27.97 18.16
C ILE A 566 -3.19 -28.30 19.36
N ASP A 567 -1.95 -27.79 19.31
CA ASP A 567 -0.92 -27.97 20.35
C ASP A 567 -1.39 -27.54 21.74
N ILE A 568 -2.26 -26.51 21.81
CA ILE A 568 -2.73 -25.95 23.08
C ILE A 568 -4.21 -26.19 23.33
N THR A 569 -4.97 -26.55 22.31
CA THR A 569 -6.40 -26.74 22.47
C THR A 569 -6.74 -28.20 22.77
N VAL A 570 -6.19 -29.14 21.98
CA VAL A 570 -6.46 -30.56 22.18
C VAL A 570 -5.31 -31.20 23.01
N ASP A 571 -4.06 -31.03 22.54
CA ASP A 571 -2.87 -31.56 23.22
C ASP A 571 -2.58 -30.85 24.54
N LYS A 572 -3.07 -29.58 24.68
CA LYS A 572 -2.99 -28.70 25.85
C LYS A 572 -1.53 -28.45 26.34
N ASN A 573 -0.55 -28.56 25.42
CA ASN A 573 0.87 -28.33 25.69
C ASN A 573 1.11 -26.80 25.70
N MET A 574 0.83 -26.17 26.86
CA MET A 574 0.99 -24.72 27.07
C MET A 574 2.46 -24.32 26.80
N PRO A 575 2.71 -23.27 25.97
CA PRO A 575 4.12 -22.88 25.65
C PRO A 575 5.03 -22.57 26.86
N LYS A 576 6.36 -22.46 26.65
CA LYS A 576 7.30 -22.14 27.74
C LYS A 576 7.67 -20.64 27.73
N PHE A 577 7.85 -20.07 28.94
CA PHE A 577 8.17 -18.67 29.23
C PHE A 577 9.40 -18.16 28.50
N ASN B 23 45.70 28.92 -8.98
CA ASN B 23 46.03 28.28 -7.71
C ASN B 23 45.23 26.97 -7.51
N GLU B 24 45.61 25.93 -8.28
CA GLU B 24 44.95 24.61 -8.28
C GLU B 24 45.84 23.54 -7.63
N HIS B 25 45.22 22.65 -6.81
CA HIS B 25 45.91 21.57 -6.10
C HIS B 25 45.34 20.19 -6.40
N TYR B 26 46.09 19.41 -7.20
CA TYR B 26 45.72 18.06 -7.58
C TYR B 26 46.61 17.06 -6.84
N PHE B 27 46.13 16.56 -5.69
CA PHE B 27 46.90 15.67 -4.81
C PHE B 27 46.28 14.31 -4.58
N GLY B 28 47.12 13.30 -4.61
CA GLY B 28 46.72 11.93 -4.32
C GLY B 28 46.62 11.70 -2.83
N LEU B 29 46.05 10.56 -2.42
CA LEU B 29 45.86 10.19 -1.03
C LEU B 29 46.29 8.76 -0.78
N VAL B 30 47.19 8.54 0.19
CA VAL B 30 47.70 7.21 0.50
C VAL B 30 46.60 6.26 1.05
N ASN B 31 46.57 5.01 0.55
CA ASN B 31 45.65 3.97 1.01
C ASN B 31 46.39 3.16 2.07
N PHE B 32 45.90 3.22 3.32
CA PHE B 32 46.49 2.52 4.47
C PHE B 32 45.90 1.14 4.75
N GLY B 33 45.61 0.40 3.69
CA GLY B 33 45.03 -0.94 3.79
C GLY B 33 43.54 -0.87 3.65
N ASN B 34 43.07 -1.09 2.41
CA ASN B 34 41.67 -1.08 2.02
C ASN B 34 40.92 0.17 2.50
N THR B 35 41.52 1.36 2.30
CA THR B 35 40.92 2.65 2.68
C THR B 35 40.50 3.45 1.42
N CYS B 36 40.46 2.79 0.23
CA CYS B 36 40.09 3.47 -1.01
C CYS B 36 38.68 3.98 -0.98
N TYR B 37 37.78 3.21 -0.35
CA TYR B 37 36.37 3.56 -0.16
C TYR B 37 36.25 4.91 0.54
N CYS B 38 37.26 5.24 1.34
CA CYS B 38 37.30 6.44 2.12
C CYS B 38 37.96 7.56 1.31
N ASN B 39 39.14 7.27 0.73
CA ASN B 39 39.90 8.24 -0.06
C ASN B 39 39.09 8.82 -1.19
N SER B 40 38.43 7.94 -1.98
CA SER B 40 37.64 8.30 -3.15
C SER B 40 36.50 9.28 -2.83
N VAL B 41 35.83 9.09 -1.68
CA VAL B 41 34.74 9.96 -1.24
C VAL B 41 35.29 11.36 -0.92
N LEU B 42 36.44 11.41 -0.19
CA LEU B 42 37.14 12.65 0.18
C LEU B 42 37.50 13.44 -1.06
N GLN B 43 37.96 12.74 -2.13
CA GLN B 43 38.31 13.39 -3.40
C GLN B 43 37.10 14.08 -4.00
N ALA B 44 35.99 13.31 -4.20
CA ALA B 44 34.71 13.81 -4.75
C ALA B 44 34.22 14.99 -3.92
N LEU B 45 34.25 14.88 -2.57
CA LEU B 45 33.84 15.93 -1.66
C LEU B 45 34.71 17.18 -1.77
N TYR B 46 36.02 17.01 -2.02
CA TYR B 46 36.93 18.12 -2.22
C TYR B 46 36.64 18.86 -3.55
N PHE B 47 36.08 18.17 -4.54
CA PHE B 47 35.86 18.83 -5.82
C PHE B 47 34.42 19.37 -5.91
N CYS B 48 33.68 19.31 -4.78
CA CYS B 48 32.36 19.92 -4.61
C CYS B 48 32.70 21.22 -3.88
N ARG B 49 33.05 22.26 -4.65
CA ARG B 49 33.51 23.53 -4.10
C ARG B 49 32.68 24.04 -2.92
N PRO B 50 31.31 24.14 -2.91
CA PRO B 50 30.62 24.64 -1.69
C PRO B 50 31.00 23.91 -0.41
N PHE B 51 31.22 22.58 -0.52
CA PHE B 51 31.64 21.74 0.58
C PHE B 51 33.07 22.05 0.98
N ARG B 52 33.99 22.05 0.00
CA ARG B 52 35.40 22.35 0.21
C ARG B 52 35.59 23.75 0.84
N GLU B 53 34.90 24.77 0.30
CA GLU B 53 34.96 26.15 0.79
C GLU B 53 34.46 26.23 2.21
N ASN B 54 33.38 25.49 2.51
CA ASN B 54 32.76 25.46 3.83
C ASN B 54 33.64 24.82 4.88
N VAL B 55 34.29 23.70 4.49
CA VAL B 55 35.22 22.93 5.30
C VAL B 55 36.43 23.82 5.63
N LEU B 56 37.02 24.45 4.60
CA LEU B 56 38.19 25.30 4.74
C LEU B 56 37.92 26.44 5.68
N ALA B 57 36.68 26.99 5.62
CA ALA B 57 36.19 28.08 6.46
C ALA B 57 36.08 27.60 7.91
N TYR B 58 35.56 26.37 8.12
CA TYR B 58 35.45 25.78 9.45
C TYR B 58 36.83 25.63 10.08
N LYS B 59 37.87 25.24 9.27
CA LYS B 59 39.26 25.06 9.72
C LYS B 59 39.74 26.31 10.47
N ALA B 60 39.52 27.51 9.84
CA ALA B 60 39.89 28.84 10.31
C ALA B 60 39.52 29.16 11.77
N GLN B 61 38.25 28.86 12.21
CA GLN B 61 37.81 29.12 13.59
C GLN B 61 38.69 28.40 14.66
N GLN B 62 39.24 27.20 14.31
CA GLN B 62 40.15 26.37 15.14
C GLN B 62 39.63 26.12 16.58
N LYS B 63 38.63 25.21 16.70
CA LYS B 63 38.02 24.80 17.98
C LYS B 63 39.06 24.11 18.89
N LYS B 64 39.93 23.27 18.25
CA LYS B 64 41.02 22.47 18.80
C LYS B 64 40.54 21.52 19.92
N LYS B 65 39.72 20.56 19.46
CA LYS B 65 39.12 19.42 20.13
C LYS B 65 38.93 18.44 18.98
N GLU B 66 39.78 17.40 18.92
CA GLU B 66 39.81 16.42 17.84
C GLU B 66 38.49 15.63 17.67
N ASN B 67 37.80 15.94 16.55
CA ASN B 67 36.59 15.30 16.08
C ASN B 67 36.78 15.05 14.58
N LEU B 68 35.96 14.18 13.97
CA LEU B 68 36.10 13.86 12.56
C LEU B 68 36.07 15.07 11.59
N LEU B 69 35.31 16.13 11.97
CA LEU B 69 35.18 17.35 11.19
C LEU B 69 36.46 18.15 11.18
N THR B 70 37.10 18.31 12.36
CA THR B 70 38.36 19.05 12.50
C THR B 70 39.47 18.35 11.70
N CYS B 71 39.49 17.01 11.71
CA CYS B 71 40.46 16.20 10.97
C CYS B 71 40.29 16.40 9.48
N LEU B 72 39.02 16.43 9.03
CA LEU B 72 38.69 16.62 7.62
C LEU B 72 39.18 17.98 7.16
N ALA B 73 38.87 19.03 7.95
CA ALA B 73 39.27 20.41 7.68
C ALA B 73 40.78 20.55 7.69
N ASP B 74 41.47 19.89 8.65
CA ASP B 74 42.94 19.92 8.72
C ASP B 74 43.53 19.31 7.47
N LEU B 75 42.93 18.20 6.97
CA LEU B 75 43.35 17.50 5.77
C LEU B 75 43.13 18.35 4.54
N PHE B 76 41.89 18.86 4.36
CA PHE B 76 41.53 19.72 3.24
C PHE B 76 42.38 20.97 3.23
N HIS B 77 42.83 21.41 4.42
CA HIS B 77 43.67 22.57 4.52
C HIS B 77 45.07 22.29 3.98
N SER B 78 45.65 21.11 4.28
CA SER B 78 46.97 20.71 3.77
C SER B 78 46.94 20.77 2.24
N ILE B 79 45.92 20.10 1.63
CA ILE B 79 45.69 20.01 0.19
C ILE B 79 45.67 21.42 -0.43
N ALA B 80 44.74 22.29 0.05
CA ALA B 80 44.55 23.68 -0.38
C ALA B 80 45.77 24.60 -0.18
N THR B 81 46.53 24.43 0.94
CA THR B 81 47.70 25.24 1.26
C THR B 81 49.02 24.47 1.12
N GLN B 82 49.21 23.82 -0.04
CA GLN B 82 50.44 23.08 -0.33
C GLN B 82 51.34 23.92 -1.23
N LYS B 83 52.67 23.70 -1.17
CA LYS B 83 53.60 24.49 -1.97
C LYS B 83 53.57 24.13 -3.47
N LYS B 84 53.59 22.82 -3.79
CA LYS B 84 53.54 22.31 -5.15
C LYS B 84 52.09 22.07 -5.54
N LYS B 85 51.75 22.23 -6.85
CA LYS B 85 50.37 22.05 -7.34
C LYS B 85 49.94 20.59 -7.43
N VAL B 86 50.92 19.66 -7.53
CA VAL B 86 50.66 18.22 -7.63
C VAL B 86 51.58 17.43 -6.66
N GLY B 87 51.01 16.41 -6.01
CA GLY B 87 51.72 15.55 -5.07
C GLY B 87 50.88 14.43 -4.49
N VAL B 88 51.27 13.94 -3.28
CA VAL B 88 50.58 12.86 -2.56
C VAL B 88 50.53 13.18 -1.05
N ILE B 89 49.34 12.98 -0.43
CA ILE B 89 49.17 13.18 1.01
C ILE B 89 48.73 11.88 1.70
N PRO B 90 49.46 11.45 2.75
CA PRO B 90 49.00 10.33 3.55
C PRO B 90 47.98 10.87 4.57
N PRO B 91 46.67 10.52 4.48
CA PRO B 91 45.70 11.11 5.44
C PRO B 91 45.63 10.34 6.76
N LYS B 92 46.81 9.97 7.33
CA LYS B 92 46.91 9.15 8.55
C LYS B 92 46.02 9.66 9.69
N LYS B 93 46.18 10.95 10.02
CA LYS B 93 45.46 11.67 11.07
C LYS B 93 43.95 11.44 11.04
N PHE B 94 43.32 11.70 9.86
CA PHE B 94 41.87 11.53 9.63
C PHE B 94 41.44 10.06 9.84
N ILE B 95 42.14 9.14 9.17
CA ILE B 95 41.89 7.70 9.22
C ILE B 95 41.98 7.19 10.64
N SER B 96 42.94 7.71 11.41
CA SER B 96 43.11 7.35 12.81
C SER B 96 41.82 7.67 13.54
N ARG B 97 41.31 8.91 13.38
CA ARG B 97 40.07 9.39 13.99
C ARG B 97 38.87 8.60 13.52
N LEU B 98 38.81 8.27 12.23
CA LEU B 98 37.69 7.48 11.68
C LEU B 98 37.61 6.11 12.34
N ARG B 99 38.76 5.47 12.58
CA ARG B 99 38.81 4.18 13.24
C ARG B 99 38.44 4.33 14.71
N LYS B 100 38.92 5.39 15.38
CA LYS B 100 38.58 5.63 16.78
C LYS B 100 37.09 5.86 16.96
N GLU B 101 36.49 6.64 16.03
CA GLU B 101 35.09 7.01 16.06
C GLU B 101 34.09 5.94 15.58
N ASN B 102 34.55 4.95 14.79
CA ASN B 102 33.64 3.92 14.28
C ASN B 102 34.32 2.56 14.21
N ASP B 103 33.88 1.60 15.06
CA ASP B 103 34.46 0.24 15.10
C ASP B 103 34.13 -0.59 13.87
N LEU B 104 33.08 -0.20 13.15
CA LEU B 104 32.69 -0.87 11.93
C LEU B 104 33.65 -0.45 10.78
N PHE B 105 34.40 0.67 10.96
CA PHE B 105 35.42 1.18 10.06
C PHE B 105 36.82 0.98 10.64
N ASP B 106 36.88 0.61 11.95
CA ASP B 106 38.10 0.28 12.67
C ASP B 106 38.44 -1.16 12.36
N ASN B 107 39.08 -1.37 11.19
CA ASN B 107 39.49 -2.64 10.58
C ASN B 107 40.13 -2.43 9.19
N TYR B 108 40.79 -3.49 8.69
CA TYR B 108 41.45 -3.52 7.39
C TYR B 108 40.56 -4.19 6.34
N MET B 109 39.25 -4.22 6.58
CA MET B 109 38.32 -4.80 5.62
C MET B 109 37.92 -3.76 4.63
N GLN B 110 37.52 -4.22 3.45
CA GLN B 110 37.07 -3.35 2.36
C GLN B 110 35.65 -2.91 2.70
N GLN B 111 35.32 -1.62 2.51
CA GLN B 111 33.95 -1.19 2.80
C GLN B 111 33.23 -0.48 1.63
N ASP B 112 31.97 -0.10 1.86
CA ASP B 112 31.18 0.61 0.87
C ASP B 112 31.41 2.14 0.96
N ALA B 113 31.65 2.77 -0.21
CA ALA B 113 31.88 4.22 -0.33
C ALA B 113 30.67 5.04 0.09
N HIS B 114 29.46 4.62 -0.33
CA HIS B 114 28.19 5.28 -0.03
C HIS B 114 27.93 5.27 1.47
N GLU B 115 28.21 4.11 2.14
CA GLU B 115 28.08 3.93 3.59
C GLU B 115 29.01 4.93 4.28
N PHE B 116 30.28 5.04 3.79
CA PHE B 116 31.24 6.00 4.31
C PHE B 116 30.73 7.44 4.13
N LEU B 117 30.29 7.79 2.89
CA LEU B 117 29.77 9.12 2.57
C LEU B 117 28.65 9.51 3.53
N ASN B 118 27.66 8.62 3.69
CA ASN B 118 26.51 8.83 4.58
C ASN B 118 26.95 9.11 6.01
N TYR B 119 27.84 8.24 6.57
CA TYR B 119 28.42 8.41 7.90
C TYR B 119 29.07 9.80 7.97
N LEU B 120 30.12 10.04 7.16
CA LEU B 120 30.86 11.29 7.11
C LEU B 120 29.96 12.52 7.06
N LEU B 121 29.00 12.55 6.11
CA LEU B 121 28.10 13.69 5.97
C LEU B 121 27.19 13.90 7.20
N ASN B 122 26.54 12.84 7.70
CA ASN B 122 25.71 12.98 8.90
C ASN B 122 26.57 13.27 10.14
N THR B 123 27.71 12.60 10.29
CA THR B 123 28.61 12.80 11.41
C THR B 123 29.02 14.26 11.48
N ILE B 124 29.37 14.85 10.33
CA ILE B 124 29.82 16.24 10.33
C ILE B 124 28.65 17.20 10.40
N ALA B 125 27.42 16.73 10.12
CA ALA B 125 26.23 17.58 10.25
C ALA B 125 25.85 17.62 11.73
N ASP B 126 25.95 16.46 12.41
CA ASP B 126 25.66 16.29 13.84
C ASP B 126 26.64 17.06 14.70
N ILE B 127 27.92 17.22 14.26
CA ILE B 127 28.93 18.01 14.98
C ILE B 127 28.49 19.49 14.94
N LEU B 128 28.06 19.93 13.74
CA LEU B 128 27.60 21.29 13.49
C LEU B 128 26.27 21.57 14.21
N GLN B 129 25.34 20.59 14.25
CA GLN B 129 24.06 20.68 14.92
C GLN B 129 24.29 20.98 16.40
N GLU B 130 25.33 20.35 17.01
CA GLU B 130 25.69 20.56 18.40
C GLU B 130 26.30 21.95 18.59
N GLU B 131 27.22 22.34 17.69
CA GLU B 131 27.90 23.64 17.70
C GLU B 131 26.88 24.79 17.61
N LYS B 132 25.86 24.63 16.75
CA LYS B 132 24.77 25.59 16.54
C LYS B 132 24.02 25.77 17.84
N LYS B 133 23.80 24.64 18.56
CA LYS B 133 23.07 24.59 19.82
C LYS B 133 23.83 25.17 20.99
N GLN B 134 25.16 24.99 21.02
CA GLN B 134 25.98 25.47 22.15
C GLN B 134 26.10 27.00 22.21
N GLU B 135 25.87 27.72 21.09
CA GLU B 135 25.88 29.19 21.11
C GLU B 135 24.53 29.74 21.65
N LYS B 136 23.42 29.00 21.38
CA LYS B 136 22.06 29.29 21.83
C LYS B 136 21.98 29.06 23.36
N GLN B 137 22.80 28.11 23.87
CA GLN B 137 22.94 27.69 25.27
C GLN B 137 23.34 28.88 26.17
N ASN B 138 24.44 29.58 25.81
CA ASN B 138 24.97 30.74 26.54
C ASN B 138 24.17 32.02 26.22
N LYS B 154 10.94 24.69 14.11
CA LYS B 154 11.87 24.80 15.23
C LYS B 154 13.34 24.32 14.91
N PRO B 155 13.61 23.13 14.27
CA PRO B 155 15.03 22.75 14.03
C PRO B 155 15.83 23.65 13.07
N GLU B 156 17.16 23.63 13.22
CA GLU B 156 18.09 24.42 12.40
C GLU B 156 18.84 23.52 11.43
N LEU B 157 19.05 24.03 10.19
CA LEU B 157 19.70 23.34 9.08
C LEU B 157 21.19 23.70 9.01
N THR B 158 22.07 22.68 8.96
CA THR B 158 23.53 22.89 8.92
C THR B 158 23.96 23.15 7.49
N TRP B 159 25.24 23.58 7.30
CA TRP B 159 25.75 23.84 5.97
C TRP B 159 25.95 22.57 5.15
N VAL B 160 25.97 21.40 5.80
CA VAL B 160 26.06 20.11 5.13
C VAL B 160 24.74 19.93 4.36
N HIS B 161 23.61 20.28 5.01
CA HIS B 161 22.26 20.20 4.47
C HIS B 161 22.01 21.23 3.41
N GLU B 162 22.57 22.43 3.57
CA GLU B 162 22.40 23.50 2.59
C GLU B 162 23.05 23.08 1.25
N ILE B 163 24.10 22.28 1.32
CA ILE B 163 24.77 21.81 0.13
C ILE B 163 24.08 20.59 -0.49
N PHE B 164 23.87 19.49 0.28
CA PHE B 164 23.34 18.22 -0.25
C PHE B 164 21.87 17.90 -0.01
N GLN B 165 21.18 18.59 0.91
CA GLN B 165 19.79 18.24 1.19
C GLN B 165 18.82 18.66 0.10
N GLY B 166 17.79 17.84 -0.05
CA GLY B 166 16.66 18.05 -0.94
C GLY B 166 15.39 17.54 -0.28
N THR B 167 14.22 17.81 -0.90
CA THR B 167 12.94 17.34 -0.36
C THR B 167 12.09 16.68 -1.43
N LEU B 168 11.51 15.53 -1.08
CA LEU B 168 10.60 14.74 -1.90
C LEU B 168 9.19 14.88 -1.35
N THR B 169 8.20 14.55 -2.18
CA THR B 169 6.79 14.52 -1.83
C THR B 169 6.24 13.21 -2.32
N ASN B 170 5.86 12.36 -1.40
CA ASN B 170 5.30 11.09 -1.74
C ASN B 170 3.78 11.22 -1.72
N GLU B 171 3.17 11.16 -2.90
CA GLU B 171 1.73 11.21 -3.03
C GLU B 171 1.23 9.78 -3.15
N THR B 172 0.16 9.44 -2.38
CA THR B 172 -0.43 8.10 -2.37
C THR B 172 -1.94 8.19 -2.57
N ARG B 173 -2.39 7.80 -3.78
CA ARG B 173 -3.82 7.84 -4.11
C ARG B 173 -4.42 6.46 -3.92
N CYS B 174 -5.36 6.34 -2.98
CA CYS B 174 -6.08 5.10 -2.78
C CYS B 174 -7.04 4.97 -3.97
N LEU B 175 -6.98 3.85 -4.69
CA LEU B 175 -7.79 3.63 -5.90
C LEU B 175 -9.26 3.34 -5.62
N ASN B 176 -9.66 3.16 -4.35
CA ASN B 176 -11.05 2.89 -4.04
C ASN B 176 -11.82 4.16 -3.66
N CYS B 177 -11.23 5.01 -2.79
CA CYS B 177 -11.88 6.23 -2.34
C CYS B 177 -11.37 7.43 -3.10
N GLU B 178 -10.21 7.24 -3.76
CA GLU B 178 -9.56 8.26 -4.57
C GLU B 178 -9.08 9.47 -3.76
N THR B 179 -8.89 9.30 -2.42
CA THR B 179 -8.35 10.37 -1.57
C THR B 179 -6.82 10.32 -1.72
N VAL B 180 -6.17 11.47 -2.02
CA VAL B 180 -4.70 11.51 -2.21
C VAL B 180 -3.98 11.95 -0.91
N SER B 181 -2.91 11.22 -0.52
CA SER B 181 -2.17 11.52 0.69
C SER B 181 -0.72 11.88 0.38
N SER B 182 -0.41 13.18 0.51
CA SER B 182 0.92 13.72 0.26
C SER B 182 1.77 13.59 1.52
N LYS B 183 3.10 13.41 1.37
CA LYS B 183 4.03 13.32 2.50
C LYS B 183 5.43 13.70 2.08
N ASP B 184 5.94 14.80 2.66
CA ASP B 184 7.29 15.32 2.41
C ASP B 184 8.32 14.55 3.21
N GLU B 185 9.40 14.16 2.54
CA GLU B 185 10.50 13.40 3.14
C GLU B 185 11.81 13.98 2.59
N ASP B 186 12.74 14.37 3.48
CA ASP B 186 14.03 14.96 3.06
C ASP B 186 15.00 13.91 2.53
N PHE B 187 16.02 14.35 1.81
CA PHE B 187 17.05 13.45 1.29
C PHE B 187 18.42 14.13 1.20
N LEU B 188 19.49 13.34 1.34
CA LEU B 188 20.86 13.83 1.22
C LEU B 188 21.48 13.33 -0.08
N ASP B 189 20.98 12.21 -0.60
CA ASP B 189 21.38 11.61 -1.87
C ASP B 189 20.16 10.90 -2.41
N LEU B 190 20.19 10.37 -3.64
CA LEU B 190 19.07 9.59 -4.17
C LEU B 190 19.55 8.23 -4.61
N SER B 191 18.98 7.15 -4.03
CA SER B 191 19.38 5.80 -4.42
C SER B 191 18.48 5.32 -5.52
N VAL B 192 18.94 5.52 -6.77
CA VAL B 192 18.20 5.17 -7.98
C VAL B 192 18.44 3.74 -8.38
N ASP B 193 17.36 3.06 -8.86
CA ASP B 193 17.37 1.69 -9.38
C ASP B 193 18.11 1.81 -10.71
N VAL B 194 18.68 0.71 -11.20
CA VAL B 194 19.41 0.80 -12.46
C VAL B 194 18.97 -0.32 -13.45
N GLU B 195 18.82 0.00 -14.76
CA GLU B 195 18.46 -1.03 -15.74
C GLU B 195 19.51 -1.14 -16.86
N GLN B 196 19.59 -2.32 -17.51
CA GLN B 196 20.59 -2.61 -18.55
C GLN B 196 20.43 -1.66 -19.75
N ASN B 197 21.56 -1.01 -20.18
CA ASN B 197 21.66 -0.10 -21.33
C ASN B 197 20.76 1.16 -21.23
N THR B 198 20.81 1.81 -20.06
CA THR B 198 20.02 3.00 -19.74
C THR B 198 20.91 4.24 -19.48
N SER B 199 20.28 5.34 -19.00
CA SER B 199 20.91 6.61 -18.63
C SER B 199 20.46 7.01 -17.26
N ILE B 200 21.28 7.81 -16.56
CA ILE B 200 21.01 8.35 -15.23
C ILE B 200 19.69 9.14 -15.20
N THR B 201 19.37 9.78 -16.33
CA THR B 201 18.16 10.56 -16.52
C THR B 201 16.95 9.65 -16.53
N HIS B 202 17.00 8.53 -17.27
CA HIS B 202 15.89 7.58 -17.34
C HIS B 202 15.63 6.96 -15.96
N CYS B 203 16.69 6.66 -15.22
CA CYS B 203 16.56 6.07 -13.90
C CYS B 203 15.89 7.02 -12.92
N LEU B 204 16.21 8.32 -13.05
CA LEU B 204 15.62 9.41 -12.28
C LEU B 204 14.14 9.61 -12.68
N ARG B 205 13.85 9.35 -13.98
CA ARG B 205 12.54 9.43 -14.57
C ARG B 205 11.67 8.32 -13.96
N ASP B 206 12.13 7.04 -13.92
CA ASP B 206 11.22 6.06 -13.33
C ASP B 206 11.21 6.12 -11.80
N PHE B 207 12.24 6.74 -11.17
CA PHE B 207 12.25 6.91 -9.70
C PHE B 207 11.06 7.81 -9.32
N SER B 208 10.78 8.83 -10.16
CA SER B 208 9.69 9.77 -9.96
C SER B 208 8.38 9.32 -10.63
N ASN B 209 8.36 8.14 -11.27
CA ASN B 209 7.15 7.68 -11.94
C ASN B 209 6.14 7.03 -10.98
N THR B 210 4.83 7.19 -11.28
CA THR B 210 3.72 6.64 -10.50
C THR B 210 3.73 5.13 -10.63
N GLU B 211 3.94 4.43 -9.50
CA GLU B 211 3.98 2.97 -9.38
C GLU B 211 2.68 2.52 -8.77
N THR B 212 2.23 1.32 -9.12
CA THR B 212 1.00 0.82 -8.53
C THR B 212 1.28 -0.19 -7.45
N LEU B 213 0.77 0.14 -6.26
CA LEU B 213 0.78 -0.66 -5.06
C LEU B 213 -0.42 -1.61 -5.19
N CYS B 214 -0.15 -2.88 -5.49
CA CYS B 214 -1.23 -3.85 -5.67
C CYS B 214 -0.82 -5.22 -5.18
N SER B 215 -1.78 -6.18 -5.19
CA SER B 215 -1.61 -7.56 -4.72
C SER B 215 -1.12 -7.58 -3.27
N GLU B 216 0.02 -8.23 -3.02
CA GLU B 216 0.65 -8.35 -1.72
C GLU B 216 1.10 -6.98 -1.19
N GLN B 217 1.25 -5.98 -2.09
CA GLN B 217 1.70 -4.63 -1.75
C GLN B 217 0.58 -3.59 -1.58
N LYS B 218 -0.71 -4.01 -1.47
CA LYS B 218 -1.86 -3.11 -1.29
C LYS B 218 -1.61 -2.13 -0.13
N TYR B 219 -2.04 -0.89 -0.33
CA TYR B 219 -1.90 0.22 0.60
C TYR B 219 -2.98 0.13 1.70
N TYR B 220 -2.65 0.45 2.98
CA TYR B 220 -3.71 0.46 3.97
C TYR B 220 -4.30 1.87 3.98
N CYS B 221 -5.53 2.01 3.44
CA CYS B 221 -6.23 3.29 3.38
C CYS B 221 -7.00 3.48 4.64
N GLU B 222 -6.70 4.56 5.37
CA GLU B 222 -7.35 4.92 6.63
C GLU B 222 -8.84 5.25 6.47
N THR B 223 -9.24 5.88 5.34
CA THR B 223 -10.64 6.23 5.13
C THR B 223 -11.44 5.00 4.71
N CYS B 224 -10.78 4.06 3.99
CA CYS B 224 -11.41 2.82 3.53
C CYS B 224 -11.38 1.77 4.61
N CYS B 225 -10.44 1.91 5.58
CA CYS B 225 -10.20 1.01 6.71
C CYS B 225 -9.83 -0.40 6.25
N SER B 226 -9.38 -0.50 4.98
CA SER B 226 -8.95 -1.76 4.40
C SER B 226 -7.71 -1.54 3.52
N LYS B 227 -7.13 -2.65 3.02
CA LYS B 227 -5.99 -2.62 2.10
C LYS B 227 -6.54 -2.53 0.65
N GLN B 228 -6.15 -1.46 -0.04
CA GLN B 228 -6.57 -1.22 -1.41
C GLN B 228 -5.43 -0.90 -2.34
N GLU B 229 -5.64 -1.10 -3.66
CA GLU B 229 -4.64 -0.78 -4.67
C GLU B 229 -4.43 0.74 -4.68
N ALA B 230 -3.19 1.17 -4.87
CA ALA B 230 -2.90 2.59 -4.81
C ALA B 230 -1.84 3.03 -5.80
N GLN B 231 -1.76 4.33 -6.04
CA GLN B 231 -0.73 4.88 -6.91
C GLN B 231 0.24 5.66 -6.04
N LYS B 232 1.52 5.30 -6.14
CA LYS B 232 2.58 5.92 -5.35
C LYS B 232 3.51 6.68 -6.29
N ARG B 233 3.74 7.98 -6.00
CA ARG B 233 4.62 8.84 -6.80
C ARG B 233 5.46 9.73 -5.92
N MET B 234 6.77 9.71 -6.14
CA MET B 234 7.74 10.52 -5.43
C MET B 234 8.31 11.58 -6.37
N ARG B 235 7.91 12.83 -6.18
CA ARG B 235 8.37 13.93 -7.02
C ARG B 235 9.19 14.91 -6.18
N VAL B 236 10.11 15.66 -6.83
CA VAL B 236 11.00 16.59 -6.14
C VAL B 236 10.28 17.87 -5.76
N LYS B 237 10.24 18.17 -4.45
CA LYS B 237 9.62 19.34 -3.86
C LYS B 237 10.63 20.49 -3.76
N LYS B 238 11.85 20.20 -3.24
CA LYS B 238 12.91 21.19 -3.11
C LYS B 238 14.22 20.60 -3.63
N LEU B 239 14.88 21.32 -4.57
CA LEU B 239 16.11 20.88 -5.23
C LEU B 239 17.37 21.05 -4.38
N PRO B 240 18.28 20.08 -4.40
CA PRO B 240 19.53 20.25 -3.63
C PRO B 240 20.54 21.06 -4.41
N MET B 241 21.40 21.84 -3.75
CA MET B 241 22.45 22.56 -4.48
C MET B 241 23.34 21.57 -5.21
N ILE B 242 23.61 20.41 -4.57
CA ILE B 242 24.36 19.29 -5.12
C ILE B 242 23.48 18.03 -5.07
N LEU B 243 23.25 17.42 -6.24
CA LEU B 243 22.49 16.20 -6.33
C LEU B 243 23.48 15.05 -6.32
N ALA B 244 23.43 14.25 -5.24
CA ALA B 244 24.30 13.09 -5.09
C ALA B 244 23.49 11.87 -5.51
N LEU B 245 23.94 11.19 -6.55
CA LEU B 245 23.23 10.04 -7.05
C LEU B 245 23.93 8.74 -6.76
N HIS B 246 23.19 7.79 -6.16
CA HIS B 246 23.69 6.47 -5.77
C HIS B 246 22.99 5.44 -6.61
N LEU B 247 23.74 4.64 -7.37
CA LEU B 247 23.16 3.63 -8.25
C LEU B 247 23.08 2.27 -7.57
N LYS B 248 21.87 1.77 -7.43
CA LYS B 248 21.57 0.48 -6.81
C LYS B 248 22.03 -0.68 -7.77
N ARG B 249 23.37 -0.85 -7.89
CA ARG B 249 24.06 -1.82 -8.75
C ARG B 249 24.24 -3.20 -8.06
N PHE B 250 23.13 -3.78 -7.57
CA PHE B 250 23.09 -5.08 -6.88
C PHE B 250 21.79 -5.83 -7.16
N LYS B 251 21.89 -7.17 -7.28
CA LYS B 251 20.72 -8.01 -7.55
C LYS B 251 20.74 -9.13 -6.55
N TYR B 252 19.68 -9.26 -5.72
CA TYR B 252 19.67 -10.39 -4.80
C TYR B 252 19.08 -11.63 -5.46
N MET B 253 19.77 -12.77 -5.30
CA MET B 253 19.31 -14.04 -5.87
C MET B 253 18.61 -14.83 -4.75
N GLU B 254 17.29 -14.57 -4.57
CA GLU B 254 16.44 -15.16 -3.51
C GLU B 254 16.68 -16.66 -3.33
N GLN B 255 16.84 -17.40 -4.45
CA GLN B 255 17.11 -18.84 -4.43
C GLN B 255 18.57 -19.16 -4.15
N LEU B 256 19.52 -18.54 -4.89
CA LEU B 256 20.97 -18.76 -4.77
C LEU B 256 21.57 -18.24 -3.46
N HIS B 257 20.77 -17.52 -2.65
CA HIS B 257 21.08 -16.93 -1.34
C HIS B 257 22.35 -16.06 -1.35
N ARG B 258 22.54 -15.27 -2.41
CA ARG B 258 23.66 -14.36 -2.58
C ARG B 258 23.28 -13.21 -3.50
N TYR B 259 24.00 -12.09 -3.41
CA TYR B 259 23.72 -10.98 -4.30
C TYR B 259 24.88 -10.72 -5.25
N THR B 260 24.59 -10.28 -6.50
CA THR B 260 25.59 -9.97 -7.52
C THR B 260 25.75 -8.45 -7.69
N LYS B 261 26.85 -8.04 -8.36
CA LYS B 261 27.12 -6.65 -8.70
C LYS B 261 26.58 -6.43 -10.11
N LEU B 262 25.81 -5.35 -10.31
CA LEU B 262 25.24 -5.00 -11.63
C LEU B 262 26.20 -4.10 -12.37
N SER B 263 26.88 -4.65 -13.39
CA SER B 263 27.87 -3.92 -14.20
C SER B 263 27.26 -3.52 -15.55
N TYR B 264 25.98 -3.11 -15.56
CA TYR B 264 25.24 -2.65 -16.73
C TYR B 264 25.88 -1.42 -17.31
N ARG B 265 25.67 -1.23 -18.63
CA ARG B 265 26.08 -0.02 -19.31
C ARG B 265 24.98 1.01 -18.92
N VAL B 266 25.36 1.96 -18.02
CA VAL B 266 24.45 3.00 -17.51
C VAL B 266 25.12 4.33 -17.75
N VAL B 267 24.71 5.02 -18.82
CA VAL B 267 25.32 6.27 -19.23
C VAL B 267 24.90 7.47 -18.38
N PHE B 268 25.88 8.35 -18.08
CA PHE B 268 25.62 9.58 -17.34
C PHE B 268 26.02 10.81 -18.13
N PRO B 269 25.06 11.77 -18.22
CA PRO B 269 25.33 12.99 -18.99
C PRO B 269 26.20 13.98 -18.25
N LEU B 270 26.88 14.88 -18.98
CA LEU B 270 27.70 15.88 -18.32
C LEU B 270 26.86 16.97 -17.63
N GLU B 271 25.60 17.15 -18.12
CA GLU B 271 24.59 18.10 -17.63
C GLU B 271 23.25 17.42 -17.36
N LEU B 272 22.45 17.96 -16.43
CA LEU B 272 21.16 17.38 -16.04
C LEU B 272 20.10 18.46 -15.87
N ARG B 273 18.99 18.35 -16.61
CA ARG B 273 17.92 19.33 -16.46
C ARG B 273 16.99 18.82 -15.38
N LEU B 274 16.83 19.61 -14.31
CA LEU B 274 15.94 19.25 -13.22
C LEU B 274 14.93 20.35 -13.00
N PHE B 275 13.65 19.96 -13.00
CA PHE B 275 12.54 20.88 -12.81
C PHE B 275 11.85 20.65 -11.47
N ASN B 276 11.17 21.69 -10.98
CA ASN B 276 10.50 21.76 -9.69
C ASN B 276 8.94 21.68 -9.73
N THR B 277 8.38 20.91 -8.75
CA THR B 277 6.94 20.68 -8.49
C THR B 277 6.36 21.86 -7.62
N SER B 278 6.62 21.82 -6.29
CA SER B 278 6.35 22.82 -5.22
C SER B 278 4.96 23.51 -5.22
N SER B 279 4.94 24.75 -4.66
CA SER B 279 3.85 25.70 -4.47
C SER B 279 3.15 26.11 -5.76
N ASP B 280 3.89 26.13 -6.90
CA ASP B 280 3.45 26.53 -8.24
C ASP B 280 3.19 28.07 -8.35
N ALA B 281 3.74 28.83 -7.37
CA ALA B 281 3.73 30.29 -7.26
C ALA B 281 5.05 30.76 -7.87
N VAL B 282 6.09 29.94 -7.68
CA VAL B 282 7.45 30.08 -8.22
C VAL B 282 7.84 28.72 -8.82
N ASN B 283 8.53 28.72 -9.97
CA ASN B 283 8.98 27.47 -10.59
C ASN B 283 10.45 27.46 -10.94
N LEU B 284 11.12 26.33 -10.62
CA LEU B 284 12.54 26.15 -10.88
C LEU B 284 12.84 25.13 -11.97
N ASP B 285 13.78 25.48 -12.85
CA ASP B 285 14.24 24.65 -13.95
C ASP B 285 15.77 24.69 -13.91
N ARG B 286 16.32 24.13 -12.82
CA ARG B 286 17.74 24.11 -12.51
C ARG B 286 18.52 23.20 -13.46
N MET B 287 19.69 23.69 -13.90
CA MET B 287 20.61 22.95 -14.78
C MET B 287 21.82 22.52 -13.95
N TYR B 288 22.06 21.20 -13.87
CA TYR B 288 23.16 20.62 -13.11
C TYR B 288 24.31 20.17 -13.99
N ASP B 289 25.52 20.08 -13.37
CA ASP B 289 26.79 19.70 -13.98
C ASP B 289 27.49 18.60 -13.20
N LEU B 290 28.02 17.59 -13.91
CA LEU B 290 28.75 16.49 -13.29
C LEU B 290 30.11 16.99 -12.80
N VAL B 291 30.29 17.04 -11.48
CA VAL B 291 31.57 17.45 -10.91
C VAL B 291 32.45 16.24 -10.58
N ALA B 292 31.87 15.16 -10.03
CA ALA B 292 32.64 13.98 -9.67
C ALA B 292 31.89 12.67 -9.79
N VAL B 293 32.62 11.59 -10.08
CA VAL B 293 32.07 10.25 -10.12
C VAL B 293 32.95 9.33 -9.25
N VAL B 294 32.35 8.70 -8.22
CA VAL B 294 33.01 7.70 -7.37
C VAL B 294 32.69 6.39 -8.11
N VAL B 295 33.75 5.67 -8.58
CA VAL B 295 33.55 4.44 -9.34
C VAL B 295 34.20 3.21 -8.67
N HIS B 296 33.45 2.10 -8.67
CA HIS B 296 33.83 0.84 -8.06
C HIS B 296 34.27 -0.10 -9.13
N CYS B 297 35.54 -0.52 -9.05
CA CYS B 297 36.17 -1.50 -9.94
C CYS B 297 36.05 -2.85 -9.26
N GLY B 298 35.67 -3.87 -10.03
CA GLY B 298 35.54 -5.23 -9.56
C GLY B 298 34.31 -5.90 -10.14
N SER B 299 34.42 -7.20 -10.47
CA SER B 299 33.31 -7.97 -11.05
C SER B 299 32.21 -8.26 -10.01
N GLY B 300 32.59 -8.35 -8.73
CA GLY B 300 31.65 -8.67 -7.65
C GLY B 300 31.42 -7.58 -6.63
N PRO B 301 30.49 -7.78 -5.67
CA PRO B 301 30.20 -6.72 -4.69
C PRO B 301 30.87 -6.88 -3.30
N ASN B 302 31.60 -8.00 -3.09
CA ASN B 302 32.22 -8.35 -1.82
C ASN B 302 33.68 -7.89 -1.71
N ARG B 303 34.26 -7.55 -2.84
CA ARG B 303 35.63 -7.06 -2.95
C ARG B 303 35.73 -6.16 -4.19
N GLY B 304 36.66 -5.23 -4.15
CA GLY B 304 36.88 -4.32 -5.26
C GLY B 304 37.93 -3.27 -5.00
N HIS B 305 37.80 -2.13 -5.71
CA HIS B 305 38.66 -0.97 -5.61
C HIS B 305 37.90 0.25 -6.05
N TYR B 306 37.98 1.31 -5.25
CA TYR B 306 37.31 2.56 -5.50
C TYR B 306 38.24 3.64 -6.02
N ILE B 307 37.81 4.35 -7.09
CA ILE B 307 38.52 5.49 -7.67
C ILE B 307 37.55 6.64 -7.94
N THR B 308 38.06 7.86 -8.12
CA THR B 308 37.24 9.05 -8.37
C THR B 308 37.72 9.80 -9.59
N ILE B 309 36.78 10.17 -10.44
CA ILE B 309 37.05 10.99 -11.62
C ILE B 309 36.33 12.33 -11.39
N VAL B 310 37.11 13.42 -11.39
CA VAL B 310 36.60 14.78 -11.13
C VAL B 310 36.82 15.72 -12.33
N LYS B 311 35.90 16.67 -12.52
CA LYS B 311 36.04 17.66 -13.57
C LYS B 311 36.55 18.91 -12.90
N SER B 312 37.76 19.34 -13.27
CA SER B 312 38.39 20.54 -12.72
C SER B 312 38.97 21.35 -13.85
N HIS B 313 38.47 22.60 -14.01
CA HIS B 313 38.91 23.55 -15.02
C HIS B 313 38.82 22.97 -16.45
N GLY B 314 37.60 22.60 -16.85
CA GLY B 314 37.28 22.10 -18.18
C GLY B 314 37.64 20.66 -18.49
N PHE B 315 38.84 20.22 -18.09
CA PHE B 315 39.32 18.86 -18.33
C PHE B 315 39.10 17.94 -17.11
N TRP B 316 38.91 16.62 -17.38
CA TRP B 316 38.65 15.58 -16.40
C TRP B 316 39.92 14.91 -15.91
N LEU B 317 39.95 14.46 -14.63
CA LEU B 317 41.12 13.77 -14.06
C LEU B 317 40.71 12.68 -13.07
N LEU B 318 41.44 11.57 -13.11
CA LEU B 318 41.25 10.35 -12.30
C LEU B 318 42.19 10.30 -11.10
N PHE B 319 41.62 9.91 -9.94
CA PHE B 319 42.31 9.75 -8.65
C PHE B 319 42.21 8.29 -8.15
N ASP B 320 43.28 7.48 -8.40
CA ASP B 320 43.44 6.11 -7.89
C ASP B 320 44.42 6.24 -6.71
N ASP B 321 43.85 6.45 -5.52
CA ASP B 321 44.55 6.69 -4.26
C ASP B 321 45.64 7.75 -4.41
N ASP B 322 46.91 7.35 -4.43
CA ASP B 322 48.07 8.22 -4.56
C ASP B 322 48.24 8.76 -5.98
N ILE B 323 47.81 7.98 -6.98
CA ILE B 323 47.93 8.32 -8.40
C ILE B 323 46.82 9.25 -8.88
N VAL B 324 47.22 10.39 -9.45
CA VAL B 324 46.34 11.40 -10.03
C VAL B 324 46.81 11.69 -11.44
N GLU B 325 45.95 11.40 -12.44
CA GLU B 325 46.27 11.59 -13.86
C GLU B 325 45.09 12.14 -14.65
N LYS B 326 45.37 12.95 -15.69
CA LYS B 326 44.37 13.56 -16.57
C LYS B 326 43.79 12.51 -17.49
N ILE B 327 42.52 12.68 -17.86
CA ILE B 327 41.81 11.77 -18.75
C ILE B 327 40.97 12.57 -19.78
N ASP B 328 40.94 12.10 -21.05
CA ASP B 328 40.16 12.76 -22.11
C ASP B 328 38.68 12.46 -21.94
N ALA B 329 37.84 13.51 -22.04
CA ALA B 329 36.38 13.51 -21.83
C ALA B 329 35.62 12.28 -22.40
N GLN B 330 36.01 11.77 -23.60
CA GLN B 330 35.36 10.62 -24.23
C GLN B 330 35.64 9.32 -23.46
N ALA B 331 36.88 9.17 -22.95
CA ALA B 331 37.32 8.00 -22.19
C ALA B 331 36.71 7.96 -20.78
N ILE B 332 36.00 9.04 -20.36
CA ILE B 332 35.39 9.08 -19.03
C ILE B 332 34.13 8.14 -19.05
N GLU B 333 32.98 8.62 -19.56
CA GLU B 333 31.73 7.88 -19.61
C GLU B 333 31.84 6.55 -20.34
N GLU B 334 32.49 6.52 -21.52
CA GLU B 334 32.65 5.30 -22.32
C GLU B 334 33.25 4.09 -21.57
N PHE B 335 33.97 4.32 -20.45
CA PHE B 335 34.56 3.21 -19.70
C PHE B 335 33.79 2.87 -18.42
N TYR B 336 32.70 3.64 -18.08
CA TYR B 336 31.89 3.40 -16.88
C TYR B 336 30.43 2.98 -17.23
N GLY B 337 30.34 1.69 -17.54
CA GLY B 337 29.17 0.92 -17.91
C GLY B 337 29.56 -0.56 -17.94
N LEU B 338 29.88 -1.09 -19.17
CA LEU B 338 30.31 -2.45 -19.60
C LEU B 338 29.35 -3.05 -20.66
N THR B 339 29.90 -3.41 -21.83
CA THR B 339 29.18 -4.04 -22.96
C THR B 339 29.39 -5.56 -22.88
N SER B 340 28.27 -6.34 -22.86
CA SER B 340 28.23 -7.82 -22.75
C SER B 340 28.91 -8.32 -21.45
N ASP B 341 30.22 -8.68 -21.53
CA ASP B 341 31.08 -9.16 -20.43
C ASP B 341 32.56 -8.88 -20.70
N ILE B 342 32.92 -8.59 -21.98
CA ILE B 342 34.28 -8.34 -22.46
C ILE B 342 34.81 -6.94 -21.97
N SER B 343 35.15 -6.88 -20.67
CA SER B 343 35.71 -5.75 -19.93
C SER B 343 36.22 -6.27 -18.56
N LYS B 344 37.56 -6.44 -18.44
CA LYS B 344 38.23 -6.97 -17.24
C LYS B 344 37.94 -6.13 -15.99
N ASN B 345 37.57 -6.82 -14.89
CA ASN B 345 37.23 -6.33 -13.53
C ASN B 345 36.31 -5.07 -13.54
N SER B 346 35.37 -5.04 -14.49
CA SER B 346 34.32 -4.04 -14.76
C SER B 346 34.27 -2.81 -13.83
N GLU B 347 34.85 -1.68 -14.27
CA GLU B 347 34.79 -0.41 -13.51
C GLU B 347 33.44 0.22 -13.79
N SER B 348 32.63 0.44 -12.73
CA SER B 348 31.26 0.95 -12.82
C SER B 348 31.02 2.16 -11.93
N GLY B 349 30.32 3.16 -12.47
CA GLY B 349 29.96 4.39 -11.75
C GLY B 349 28.98 4.11 -10.64
N TYR B 350 29.36 4.46 -9.40
CA TYR B 350 28.55 4.20 -8.21
C TYR B 350 27.89 5.44 -7.58
N ILE B 351 28.68 6.50 -7.32
CA ILE B 351 28.16 7.74 -6.75
C ILE B 351 28.46 8.88 -7.74
N LEU B 352 27.46 9.70 -8.04
CA LEU B 352 27.58 10.79 -9.00
C LEU B 352 27.28 12.12 -8.33
N PHE B 353 28.12 13.12 -8.57
CA PHE B 353 27.92 14.43 -7.96
C PHE B 353 27.54 15.43 -9.03
N TYR B 354 26.27 15.90 -8.97
CA TYR B 354 25.74 16.91 -9.88
C TYR B 354 25.60 18.24 -9.18
N GLN B 355 26.34 19.24 -9.66
CA GLN B 355 26.45 20.58 -9.12
C GLN B 355 25.60 21.58 -9.92
N SER B 356 24.78 22.39 -9.22
CA SER B 356 23.95 23.45 -9.80
C SER B 356 24.80 24.47 -10.56
N ARG B 357 24.23 25.13 -11.57
CA ARG B 357 24.99 26.08 -12.35
C ARG B 357 25.08 27.47 -11.69
N GLU B 358 26.17 27.69 -10.93
CA GLU B 358 26.44 28.94 -10.23
C GLU B 358 27.32 29.83 -11.10
N MET C 21 1.11 0.16 12.18
CA MET C 21 1.25 1.16 11.11
C MET C 21 2.02 0.67 9.88
N GLN C 22 1.59 1.08 8.68
CA GLN C 22 2.23 0.64 7.44
C GLN C 22 3.14 1.67 6.77
N ILE C 23 4.41 1.28 6.61
CA ILE C 23 5.47 2.04 5.94
C ILE C 23 5.89 1.32 4.65
N PHE C 24 6.52 2.04 3.74
CA PHE C 24 6.99 1.50 2.47
C PHE C 24 8.51 1.37 2.43
N VAL C 25 8.99 0.44 1.60
CA VAL C 25 10.41 0.20 1.37
C VAL C 25 10.59 0.17 -0.14
N LYS C 26 11.50 1.01 -0.66
CA LYS C 26 11.81 1.00 -2.08
C LYS C 26 12.95 -0.02 -2.25
N THR C 27 12.57 -1.20 -2.76
CA THR C 27 13.44 -2.35 -2.97
C THR C 27 14.56 -2.04 -3.97
N LEU C 28 15.49 -3.00 -4.16
CA LEU C 28 16.63 -2.87 -5.05
C LEU C 28 16.29 -2.67 -6.51
N THR C 29 15.06 -3.05 -6.94
CA THR C 29 14.62 -2.88 -8.32
C THR C 29 13.69 -1.69 -8.51
N GLY C 30 13.48 -0.95 -7.43
CA GLY C 30 12.57 0.19 -7.44
C GLY C 30 11.16 -0.21 -7.03
N LYS C 31 10.87 -1.53 -7.03
CA LYS C 31 9.57 -2.05 -6.63
C LYS C 31 9.35 -1.61 -5.18
N THR C 32 8.15 -1.13 -4.89
CA THR C 32 7.87 -0.71 -3.54
C THR C 32 7.14 -1.87 -2.89
N ILE C 33 7.52 -2.16 -1.64
CA ILE C 33 6.87 -3.16 -0.81
C ILE C 33 6.36 -2.47 0.45
N THR C 34 5.23 -2.94 0.99
CA THR C 34 4.68 -2.39 2.24
C THR C 34 5.19 -3.23 3.43
N LEU C 35 5.29 -2.62 4.61
CA LEU C 35 5.69 -3.30 5.82
C LEU C 35 4.71 -2.96 6.94
N GLU C 36 4.35 -3.94 7.81
CA GLU C 36 3.42 -3.68 8.92
C GLU C 36 4.19 -3.54 10.19
N VAL C 37 4.67 -2.34 10.40
CA VAL C 37 5.52 -2.00 11.53
C VAL C 37 4.75 -1.34 12.69
N GLU C 38 5.50 -1.04 13.75
CA GLU C 38 5.05 -0.37 14.94
C GLU C 38 6.13 0.66 15.21
N PRO C 39 5.85 1.82 15.84
CA PRO C 39 6.94 2.79 16.08
C PRO C 39 8.01 2.24 17.02
N SER C 40 7.59 1.30 17.89
CA SER C 40 8.39 0.60 18.89
C SER C 40 9.37 -0.41 18.28
N ASP C 41 9.12 -0.83 17.03
CA ASP C 41 9.90 -1.83 16.30
C ASP C 41 11.33 -1.36 16.06
N THR C 42 12.33 -2.22 16.39
CA THR C 42 13.74 -1.90 16.14
C THR C 42 14.06 -2.01 14.66
N ILE C 43 15.13 -1.32 14.25
CA ILE C 43 15.61 -1.29 12.87
C ILE C 43 16.01 -2.70 12.39
N GLU C 44 16.52 -3.52 13.32
CA GLU C 44 16.91 -4.90 13.02
C GLU C 44 15.66 -5.79 12.77
N ASN C 45 14.57 -5.45 13.46
CA ASN C 45 13.28 -6.11 13.39
C ASN C 45 12.54 -5.70 12.06
N VAL C 46 12.75 -4.44 11.60
CA VAL C 46 12.24 -3.92 10.32
C VAL C 46 12.91 -4.76 9.21
N LYS C 47 14.24 -4.98 9.35
CA LYS C 47 15.07 -5.72 8.40
C LYS C 47 14.57 -7.14 8.25
N ALA C 48 14.17 -7.77 9.38
CA ALA C 48 13.64 -9.13 9.43
C ALA C 48 12.32 -9.22 8.66
N LYS C 49 11.48 -8.17 8.78
CA LYS C 49 10.20 -8.06 8.09
C LYS C 49 10.44 -7.94 6.60
N ILE C 50 11.54 -7.26 6.21
CA ILE C 50 11.95 -7.12 4.82
C ILE C 50 12.47 -8.48 4.33
N GLN C 51 13.19 -9.20 5.20
CA GLN C 51 13.72 -10.51 4.82
C GLN C 51 12.60 -11.44 4.37
N ASP C 52 11.44 -11.41 5.06
CA ASP C 52 10.29 -12.26 4.72
C ASP C 52 9.77 -12.02 3.31
N LYS C 53 9.69 -10.74 2.90
CA LYS C 53 9.18 -10.37 1.59
C LYS C 53 10.23 -10.48 0.47
N GLU C 54 11.47 -10.04 0.75
CA GLU C 54 12.55 -9.94 -0.22
C GLU C 54 13.57 -11.11 -0.22
N GLY C 55 13.86 -11.65 0.96
CA GLY C 55 14.79 -12.75 1.10
C GLY C 55 16.19 -12.34 1.51
N ILE C 56 16.46 -11.01 1.55
CA ILE C 56 17.76 -10.45 1.90
C ILE C 56 18.03 -10.55 3.40
N PRO C 57 19.14 -11.25 3.80
CA PRO C 57 19.50 -11.30 5.23
C PRO C 57 19.75 -9.90 5.81
N PRO C 58 19.29 -9.61 7.04
CA PRO C 58 19.43 -8.26 7.60
C PRO C 58 20.85 -7.72 7.61
N ASP C 59 21.81 -8.60 7.90
CA ASP C 59 23.25 -8.30 7.93
C ASP C 59 23.70 -7.68 6.59
N GLN C 60 23.03 -8.04 5.48
CA GLN C 60 23.35 -7.52 4.17
C GLN C 60 22.60 -6.21 3.80
N GLN C 61 21.41 -5.98 4.40
CA GLN C 61 20.55 -4.79 4.17
C GLN C 61 21.13 -3.50 4.70
N ARG C 62 20.71 -2.37 4.12
CA ARG C 62 21.03 -1.00 4.53
C ARG C 62 19.78 -0.15 4.21
N LEU C 63 19.26 0.58 5.20
CA LEU C 63 18.06 1.36 4.94
C LEU C 63 18.35 2.84 5.11
N ILE C 64 18.10 3.63 4.08
CA ILE C 64 18.30 5.08 4.18
C ILE C 64 16.94 5.78 4.32
N PHE C 65 16.85 6.73 5.25
CA PHE C 65 15.66 7.52 5.49
C PHE C 65 16.04 8.92 5.98
N ALA C 66 15.47 9.96 5.34
CA ALA C 66 15.74 11.35 5.66
C ALA C 66 17.25 11.63 5.55
N GLY C 67 17.92 10.95 4.62
CA GLY C 67 19.36 11.04 4.39
C GLY C 67 20.21 10.41 5.48
N LYS C 68 19.61 9.54 6.29
CA LYS C 68 20.27 8.92 7.42
C LYS C 68 20.16 7.41 7.33
N GLN C 69 21.30 6.70 7.36
CA GLN C 69 21.28 5.23 7.34
C GLN C 69 20.91 4.80 8.76
N LEU C 70 19.78 4.09 8.88
CA LEU C 70 19.21 3.68 10.16
C LEU C 70 20.05 2.66 10.88
N GLU C 71 20.37 2.96 12.16
CA GLU C 71 21.18 2.14 13.05
C GLU C 71 20.35 1.02 13.68
N ASP C 72 20.86 -0.23 13.60
CA ASP C 72 20.22 -1.45 14.08
C ASP C 72 19.63 -1.37 15.49
N GLY C 73 20.36 -0.79 16.43
CA GLY C 73 19.89 -0.65 17.81
C GLY C 73 18.61 0.16 18.01
N ARG C 74 18.48 1.28 17.28
CA ARG C 74 17.38 2.25 17.32
C ARG C 74 16.05 1.67 16.86
N THR C 75 14.97 2.40 17.15
CA THR C 75 13.62 2.04 16.73
C THR C 75 13.13 3.06 15.70
N LEU C 76 11.98 2.77 15.06
CA LEU C 76 11.40 3.66 14.06
C LEU C 76 10.98 4.98 14.69
N SER C 77 10.42 4.93 15.91
CA SER C 77 9.99 6.12 16.64
C SER C 77 11.14 7.11 16.83
N ASP C 78 12.38 6.60 16.99
CA ASP C 78 13.62 7.37 17.18
C ASP C 78 13.94 8.20 15.95
N TYR C 79 13.81 7.58 14.78
CA TYR C 79 14.07 8.20 13.48
C TYR C 79 12.85 8.98 12.97
N ASN C 80 11.78 9.06 13.79
CA ASN C 80 10.50 9.73 13.53
C ASN C 80 9.80 9.17 12.31
N ILE C 81 10.06 7.89 12.01
CA ILE C 81 9.45 7.21 10.88
C ILE C 81 7.98 6.91 11.21
N GLN C 82 7.06 7.60 10.47
CA GLN C 82 5.60 7.53 10.62
C GLN C 82 4.94 6.79 9.43
N LYS C 83 3.61 6.55 9.53
CA LYS C 83 2.86 5.90 8.46
C LYS C 83 3.14 6.60 7.13
N GLU C 84 3.23 5.81 6.02
CA GLU C 84 3.52 6.27 4.64
C GLU C 84 5.00 6.62 4.38
N SER C 85 5.88 6.46 5.39
CA SER C 85 7.29 6.73 5.17
C SER C 85 7.87 5.71 4.20
N THR C 86 8.76 6.16 3.29
CA THR C 86 9.44 5.32 2.30
C THR C 86 10.90 5.14 2.70
N LEU C 87 11.28 3.92 3.07
CA LEU C 87 12.66 3.61 3.44
C LEU C 87 13.33 3.15 2.17
N HIS C 88 14.58 3.54 1.95
CA HIS C 88 15.29 3.17 0.75
C HIS C 88 16.22 2.02 1.05
N LEU C 89 15.90 0.83 0.52
CA LEU C 89 16.70 -0.38 0.75
C LEU C 89 17.84 -0.38 -0.23
N VAL C 90 19.04 -0.67 0.29
CA VAL C 90 20.26 -0.59 -0.47
C VAL C 90 21.30 -1.59 0.10
N LEU C 91 22.20 -2.04 -0.74
CA LEU C 91 23.22 -3.01 -0.34
C LEU C 91 24.62 -2.41 -0.41
N ARG C 92 25.61 -3.21 -0.02
CA ARG C 92 27.02 -2.82 0.01
C ARG C 92 27.69 -3.09 -1.34
N LEU C 93 28.78 -2.37 -1.60
CA LEU C 93 29.65 -2.57 -2.76
C LEU C 93 31.09 -2.38 -2.26
N ARG C 94 31.57 -3.37 -1.47
CA ARG C 94 32.88 -3.35 -0.83
C ARG C 94 34.01 -3.14 -1.79
N GLY C 95 34.86 -2.17 -1.45
CA GLY C 95 36.05 -1.78 -2.20
C GLY C 95 37.19 -1.46 -1.26
N GLY C 96 38.42 -1.73 -1.72
CA GLY C 96 39.65 -1.48 -0.99
C GLY C 96 40.41 -0.27 -1.49
ZN ZN D . -9.32 4.52 0.30
#